data_1I3M
#
_entry.id   1I3M
#
_cell.length_a   77.900
_cell.length_b   89.900
_cell.length_c   96.900
_cell.angle_alpha   90.00
_cell.angle_beta   90.00
_cell.angle_gamma   90.00
#
_symmetry.space_group_name_H-M   'P 21 21 21'
#
loop_
_entity.id
_entity.type
_entity.pdbx_description
1 polymer 'UDP-GLUCOSE 4-EPIMERASE'
2 non-polymer 'CHLORIDE ION'
3 non-polymer 'MAGNESIUM ION'
4 non-polymer NICOTINAMIDE-ADENINE-DINUCLEOTIDE
5 non-polymer URIDINE-DIPHOSPHATE-N-ACETYLGLUCOSAMINE
6 water water
#
_entity_poly.entity_id   1
_entity_poly.type   'polypeptide(L)'
_entity_poly.pdbx_seq_one_letter_code
;MAEKVLVTGGAGYIGSHTVLELLEAGYLPVVIDNFHNAFRGGGSLPESLRRVQELTGRSVEFEEMDILDQGALQRLFKKY
SFMAVIHFAGLKAMGESVQKPLDYYRVNLTGTIQLLEIMKAHGVKNLVFSSSATVYGNPQYLPLDEAHPTGGCTNPYGKS
KFFIEEMIRDLCQADKTWNVVLLRYFNPTGAHASGCIGEDPQGIPNNLMPYVSQVAIGRREALNVFGNDYDTEDGTGVRD
YIHVVDLAKGHIAALRKLKEQCGCRIYNLGTGTGYSVLQMVQAMEKASGKKIPYKVVARREGDVAACYANPSLAQEELGW
TAALGLDRMCEDLWRWQKQNPSGFGTQA
;
_entity_poly.pdbx_strand_id   A,B
#
loop_
_chem_comp.id
_chem_comp.type
_chem_comp.name
_chem_comp.formula
CL non-polymer 'CHLORIDE ION' 'Cl -1'
MG non-polymer 'MAGNESIUM ION' 'Mg 2'
NAD non-polymer NICOTINAMIDE-ADENINE-DINUCLEOTIDE 'C21 H27 N7 O14 P2'
UD1 non-polymer URIDINE-DIPHOSPHATE-N-ACETYLGLUCOSAMINE 'C17 H27 N3 O17 P2'
#
# COMPACT_ATOMS: atom_id res chain seq x y z
N ALA A 2 -2.23 34.45 2.88
CA ALA A 2 -1.29 34.59 1.76
C ALA A 2 -0.75 33.25 1.23
N GLU A 3 -0.69 32.25 2.11
CA GLU A 3 -0.29 30.92 1.69
C GLU A 3 -1.52 30.17 1.15
N LYS A 4 -1.29 29.50 0.05
CA LYS A 4 -2.34 28.77 -0.62
C LYS A 4 -2.66 27.37 -0.02
N VAL A 5 -3.77 26.82 -0.50
CA VAL A 5 -4.18 25.48 -0.12
C VAL A 5 -4.26 24.80 -1.45
N LEU A 6 -3.56 23.70 -1.63
CA LEU A 6 -3.64 22.94 -2.86
C LEU A 6 -4.81 21.96 -2.75
N VAL A 7 -5.61 21.91 -3.78
CA VAL A 7 -6.73 20.98 -3.82
C VAL A 7 -6.64 20.04 -4.96
N THR A 8 -6.28 18.79 -4.72
CA THR A 8 -6.20 17.82 -5.80
C THR A 8 -7.56 17.23 -6.09
N GLY A 9 -7.82 16.91 -7.38
CA GLY A 9 -9.11 16.35 -7.75
C GLY A 9 -10.23 17.35 -7.45
N GLY A 10 -9.91 18.64 -7.42
CA GLY A 10 -10.86 19.68 -7.08
C GLY A 10 -12.06 19.91 -8.02
N ALA A 11 -12.10 19.30 -9.19
CA ALA A 11 -13.23 19.57 -10.07
C ALA A 11 -14.34 18.57 -9.92
N GLY A 12 -14.11 17.52 -9.13
CA GLY A 12 -15.06 16.45 -8.93
C GLY A 12 -16.20 16.85 -8.00
N TYR A 13 -16.97 15.85 -7.60
CA TYR A 13 -18.13 16.06 -6.75
C TYR A 13 -17.83 16.73 -5.45
N ILE A 14 -17.10 16.03 -4.58
CA ILE A 14 -16.79 16.58 -3.29
C ILE A 14 -15.82 17.75 -3.36
N GLY A 15 -14.82 17.62 -4.26
CA GLY A 15 -13.81 18.66 -4.46
C GLY A 15 -14.39 20.03 -4.86
N SER A 16 -15.33 20.03 -5.85
CA SER A 16 -15.88 21.29 -6.28
C SER A 16 -16.61 22.00 -5.15
N HIS A 17 -17.38 21.19 -4.38
CA HIS A 17 -18.12 21.74 -3.26
C HIS A 17 -17.19 22.28 -2.21
N THR A 18 -16.04 21.58 -2.04
CA THR A 18 -15.04 22.03 -1.08
C THR A 18 -14.33 23.30 -1.54
N VAL A 19 -14.02 23.40 -2.85
CA VAL A 19 -13.41 24.64 -3.35
C VAL A 19 -14.33 25.82 -3.06
N LEU A 20 -15.64 25.62 -3.28
CA LEU A 20 -16.62 26.66 -3.00
C LEU A 20 -16.55 27.09 -1.53
N GLU A 21 -16.56 26.10 -0.59
CA GLU A 21 -16.48 26.43 0.82
C GLU A 21 -15.20 27.17 1.20
N LEU A 22 -14.10 26.75 0.57
CA LEU A 22 -12.82 27.38 0.83
C LEU A 22 -12.86 28.84 0.42
N LEU A 23 -13.34 29.08 -0.82
CA LEU A 23 -13.45 30.45 -1.33
C LEU A 23 -14.29 31.34 -0.42
N GLU A 24 -15.45 30.82 -0.01
CA GLU A 24 -16.35 31.55 0.87
C GLU A 24 -15.70 31.79 2.21
N ALA A 25 -14.89 30.85 2.66
CA ALA A 25 -14.26 31.04 3.95
C ALA A 25 -12.98 31.88 3.89
N GLY A 26 -12.70 32.50 2.78
CA GLY A 26 -11.49 33.31 2.81
C GLY A 26 -10.19 32.59 2.50
N TYR A 27 -10.23 31.36 2.02
CA TYR A 27 -9.00 30.69 1.70
C TYR A 27 -8.63 30.97 0.21
N LEU A 28 -7.42 30.61 -0.21
CA LEU A 28 -6.98 30.79 -1.60
C LEU A 28 -6.52 29.44 -2.13
N PRO A 29 -7.40 28.76 -2.82
CA PRO A 29 -7.06 27.45 -3.37
C PRO A 29 -6.39 27.52 -4.71
N VAL A 30 -5.63 26.49 -4.97
CA VAL A 30 -4.98 26.24 -6.21
C VAL A 30 -5.51 24.84 -6.51
N VAL A 31 -6.24 24.66 -7.59
CA VAL A 31 -6.84 23.37 -7.91
C VAL A 31 -6.25 22.63 -9.07
N ILE A 32 -6.04 21.31 -8.89
CA ILE A 32 -5.55 20.50 -9.98
C ILE A 32 -6.53 19.35 -10.23
N ASP A 33 -6.62 18.91 -11.48
CA ASP A 33 -7.47 17.80 -11.88
C ASP A 33 -7.06 17.41 -13.26
N ASN A 34 -7.23 16.14 -13.60
CA ASN A 34 -6.86 15.60 -14.91
C ASN A 34 -8.09 15.24 -15.76
N PHE A 35 -9.28 15.60 -15.29
CA PHE A 35 -10.52 15.32 -16.01
C PHE A 35 -10.86 13.87 -16.13
N HIS A 36 -10.27 13.03 -15.29
CA HIS A 36 -10.60 11.64 -15.36
C HIS A 36 -12.09 11.44 -15.11
N ASN A 37 -12.63 12.20 -14.18
CA ASN A 37 -14.04 12.03 -13.87
C ASN A 37 -14.72 13.36 -13.59
N ALA A 38 -14.35 14.33 -14.43
CA ALA A 38 -14.84 15.70 -14.41
C ALA A 38 -14.95 16.19 -15.87
N PHE A 39 -16.03 16.94 -16.07
CA PHE A 39 -16.42 17.50 -17.35
C PHE A 39 -15.73 18.82 -17.67
N ARG A 40 -15.18 18.83 -18.87
CA ARG A 40 -14.53 20.03 -19.30
C ARG A 40 -15.52 21.11 -19.67
N GLY A 41 -15.22 22.32 -19.26
CA GLY A 41 -16.08 23.42 -19.60
C GLY A 41 -15.70 23.94 -21.00
N GLY A 42 -16.41 24.96 -21.42
CA GLY A 42 -16.15 25.57 -22.71
C GLY A 42 -14.79 26.24 -22.68
N GLY A 43 -14.37 26.67 -21.48
CA GLY A 43 -13.06 27.30 -21.30
C GLY A 43 -12.04 26.35 -20.67
N SER A 44 -11.03 26.95 -20.05
CA SER A 44 -9.95 26.24 -19.36
C SER A 44 -10.47 25.52 -18.09
N LEU A 45 -11.37 26.19 -17.36
CA LEU A 45 -11.92 25.59 -16.16
C LEU A 45 -12.89 24.46 -16.39
N PRO A 46 -12.89 23.55 -15.45
CA PRO A 46 -13.87 22.48 -15.49
C PRO A 46 -15.17 23.25 -15.30
N GLU A 47 -16.25 22.75 -15.90
CA GLU A 47 -17.54 23.43 -15.77
C GLU A 47 -17.93 23.64 -14.30
N SER A 48 -17.71 22.59 -13.48
CA SER A 48 -18.01 22.73 -12.06
C SER A 48 -17.37 23.93 -11.42
N LEU A 49 -16.08 24.11 -11.69
CA LEU A 49 -15.35 25.22 -11.12
C LEU A 49 -15.65 26.56 -11.76
N ARG A 50 -16.08 26.52 -13.01
CA ARG A 50 -16.44 27.76 -13.66
C ARG A 50 -17.68 28.30 -12.92
N ARG A 51 -18.56 27.39 -12.58
CA ARG A 51 -19.77 27.72 -11.86
C ARG A 51 -19.45 28.14 -10.45
N VAL A 52 -18.46 27.49 -9.82
CA VAL A 52 -18.07 27.88 -8.46
C VAL A 52 -17.55 29.30 -8.49
N GLN A 53 -16.81 29.65 -9.56
CA GLN A 53 -16.31 31.02 -9.69
C GLN A 53 -17.49 32.02 -9.74
N GLU A 54 -18.50 31.68 -10.51
CA GLU A 54 -19.69 32.52 -10.61
C GLU A 54 -20.43 32.65 -9.28
N LEU A 55 -20.70 31.51 -8.65
CA LEU A 55 -21.39 31.47 -7.39
C LEU A 55 -20.73 32.30 -6.31
N THR A 56 -19.40 32.22 -6.20
CA THR A 56 -18.67 32.94 -5.15
C THR A 56 -18.20 34.31 -5.50
N GLY A 57 -18.08 34.57 -6.80
CA GLY A 57 -17.58 35.85 -7.24
C GLY A 57 -16.08 35.92 -7.00
N ARG A 58 -15.45 34.77 -6.87
CA ARG A 58 -14.02 34.67 -6.63
C ARG A 58 -13.39 33.82 -7.67
N SER A 59 -12.14 34.16 -8.04
CA SER A 59 -11.49 33.40 -9.06
C SER A 59 -10.94 32.09 -8.56
N VAL A 60 -10.98 31.13 -9.46
CA VAL A 60 -10.46 29.86 -9.14
C VAL A 60 -9.14 29.68 -9.86
N GLU A 61 -8.06 29.41 -9.11
CA GLU A 61 -6.75 29.14 -9.70
C GLU A 61 -6.70 27.66 -10.02
N PHE A 62 -6.54 27.31 -11.31
CA PHE A 62 -6.59 25.92 -11.75
C PHE A 62 -5.52 25.53 -12.75
N GLU A 63 -5.04 24.30 -12.68
CA GLU A 63 -4.05 23.76 -13.60
C GLU A 63 -4.51 22.34 -13.95
N GLU A 64 -4.63 22.04 -15.23
CA GLU A 64 -4.99 20.69 -15.59
C GLU A 64 -3.71 19.89 -15.37
N MET A 65 -3.77 18.84 -14.55
CA MET A 65 -2.56 18.08 -14.25
C MET A 65 -2.91 16.75 -13.58
N ASP A 66 -2.09 15.73 -13.79
CA ASP A 66 -2.30 14.43 -13.18
C ASP A 66 -1.36 14.32 -11.99
N ILE A 67 -1.83 13.80 -10.89
CA ILE A 67 -0.93 13.71 -9.74
C ILE A 67 0.21 12.74 -10.05
N LEU A 68 0.05 11.92 -11.11
CA LEU A 68 1.09 10.99 -11.47
C LEU A 68 2.21 11.61 -12.26
N ASP A 69 2.03 12.87 -12.65
CA ASP A 69 3.03 13.62 -13.41
C ASP A 69 3.99 14.29 -12.47
N GLN A 70 5.08 13.60 -12.19
CA GLN A 70 6.06 14.10 -11.23
C GLN A 70 6.59 15.50 -11.51
N GLY A 71 7.01 15.69 -12.77
CA GLY A 71 7.54 16.97 -13.16
C GLY A 71 6.56 18.11 -12.94
N ALA A 72 5.30 17.93 -13.38
CA ALA A 72 4.28 18.99 -13.23
C ALA A 72 4.01 19.31 -11.79
N LEU A 73 3.92 18.22 -11.02
CA LEU A 73 3.66 18.36 -9.60
C LEU A 73 4.80 19.12 -8.88
N GLN A 74 6.04 18.73 -9.18
CA GLN A 74 7.20 19.40 -8.63
C GLN A 74 7.17 20.90 -8.96
N ARG A 75 6.95 21.23 -10.25
CA ARG A 75 6.87 22.62 -10.70
C ARG A 75 5.80 23.39 -9.92
N LEU A 76 4.65 22.73 -9.69
CA LEU A 76 3.56 23.36 -8.96
C LEU A 76 3.95 23.76 -7.54
N PHE A 77 4.57 22.79 -6.83
CA PHE A 77 5.03 23.03 -5.46
C PHE A 77 6.16 24.06 -5.39
N LYS A 78 6.93 24.14 -6.46
CA LYS A 78 8.00 25.14 -6.54
C LYS A 78 7.41 26.54 -6.76
N LYS A 79 6.36 26.62 -7.58
CA LYS A 79 5.71 27.90 -7.91
C LYS A 79 4.93 28.52 -6.78
N TYR A 80 4.19 27.73 -6.03
CA TYR A 80 3.44 28.31 -4.92
C TYR A 80 4.00 27.87 -3.57
N SER A 81 3.56 28.59 -2.53
CA SER A 81 3.86 28.28 -1.15
C SER A 81 2.56 27.77 -0.55
N PHE A 82 2.38 26.48 -0.56
CA PHE A 82 1.18 25.92 0.00
C PHE A 82 1.28 25.75 1.49
N MET A 83 0.22 26.00 2.20
CA MET A 83 0.30 25.81 3.61
C MET A 83 -0.33 24.47 3.98
N ALA A 84 -1.09 23.91 3.05
CA ALA A 84 -1.74 22.64 3.22
C ALA A 84 -2.21 22.08 1.92
N VAL A 85 -2.47 20.79 1.91
CA VAL A 85 -2.98 20.09 0.75
C VAL A 85 -4.21 19.29 1.14
N ILE A 86 -5.28 19.37 0.35
CA ILE A 86 -6.51 18.60 0.51
C ILE A 86 -6.53 17.68 -0.70
N HIS A 87 -6.35 16.38 -0.47
CA HIS A 87 -6.21 15.41 -1.48
C HIS A 87 -7.42 14.57 -1.82
N PHE A 88 -8.18 14.98 -2.87
CA PHE A 88 -9.37 14.25 -3.34
C PHE A 88 -9.08 13.40 -4.56
N ALA A 89 -8.00 13.76 -5.28
CA ALA A 89 -7.70 13.02 -6.48
C ALA A 89 -7.49 11.53 -6.32
N GLY A 90 -8.17 10.79 -7.18
CA GLY A 90 -8.04 9.35 -7.20
C GLY A 90 -9.16 8.66 -7.94
N LEU A 91 -9.05 7.32 -8.03
CA LEU A 91 -10.07 6.50 -8.66
C LEU A 91 -11.01 6.04 -7.56
N LYS A 92 -12.30 5.97 -7.88
CA LYS A 92 -13.26 5.50 -6.93
C LYS A 92 -13.99 4.33 -7.53
N ALA A 93 -14.52 3.48 -6.69
CA ALA A 93 -15.15 2.34 -7.31
C ALA A 93 -16.41 2.73 -8.04
N MET A 94 -16.50 2.16 -9.21
CA MET A 94 -17.59 2.29 -10.14
C MET A 94 -18.05 0.84 -10.33
N GLY A 95 -17.61 0.04 -9.32
CA GLY A 95 -17.80 -1.41 -9.18
C GLY A 95 -16.64 -2.17 -9.85
N GLU A 96 -15.76 -1.32 -10.43
CA GLU A 96 -14.55 -1.56 -11.22
C GLU A 96 -13.33 -2.17 -10.52
N SER A 97 -12.96 -1.59 -9.38
CA SER A 97 -11.80 -1.99 -8.61
C SER A 97 -11.42 -3.47 -8.60
N VAL A 98 -12.37 -4.33 -8.22
CA VAL A 98 -12.09 -5.76 -8.16
C VAL A 98 -11.45 -6.30 -9.44
N GLN A 99 -11.86 -5.71 -10.59
CA GLN A 99 -11.39 -6.08 -11.93
C GLN A 99 -10.11 -5.39 -12.36
N LYS A 100 -9.81 -4.19 -11.82
CA LYS A 100 -8.58 -3.51 -12.26
C LYS A 100 -7.69 -3.03 -11.09
N PRO A 101 -7.23 -4.01 -10.26
CA PRO A 101 -6.45 -3.66 -9.08
C PRO A 101 -5.28 -2.68 -9.32
N LEU A 102 -4.48 -2.97 -10.36
CA LEU A 102 -3.34 -2.13 -10.66
C LEU A 102 -3.68 -0.69 -10.96
N ASP A 103 -4.86 -0.45 -11.52
CA ASP A 103 -5.20 0.95 -11.77
C ASP A 103 -5.38 1.67 -10.47
N TYR A 104 -6.05 0.98 -9.51
CA TYR A 104 -6.31 1.56 -8.20
C TYR A 104 -5.01 1.71 -7.41
N TYR A 105 -4.15 0.68 -7.50
CA TYR A 105 -2.87 0.76 -6.82
C TYR A 105 -1.96 1.87 -7.38
N ARG A 106 -1.95 1.97 -8.70
CA ARG A 106 -1.17 3.02 -9.32
C ARG A 106 -1.70 4.39 -9.00
N VAL A 107 -2.98 4.66 -9.35
CA VAL A 107 -3.52 5.97 -9.14
C VAL A 107 -3.62 6.39 -7.71
N ASN A 108 -4.22 5.55 -6.88
CA ASN A 108 -4.39 5.93 -5.49
C ASN A 108 -3.14 5.80 -4.63
N LEU A 109 -2.58 4.61 -4.65
CA LEU A 109 -1.37 4.36 -3.84
C LEU A 109 -0.11 5.08 -4.35
N THR A 110 0.34 4.75 -5.57
CA THR A 110 1.53 5.46 -6.04
C THR A 110 1.29 6.95 -6.21
N GLY A 111 0.10 7.33 -6.64
CA GLY A 111 -0.14 8.74 -6.76
C GLY A 111 0.00 9.47 -5.44
N THR A 112 -0.55 8.89 -4.35
CA THR A 112 -0.45 9.54 -3.06
C THR A 112 1.00 9.50 -2.49
N ILE A 113 1.73 8.41 -2.73
CA ILE A 113 3.12 8.33 -2.25
C ILE A 113 3.91 9.46 -2.87
N GLN A 114 3.70 9.64 -4.20
CA GLN A 114 4.38 10.71 -4.94
C GLN A 114 4.05 12.09 -4.42
N LEU A 115 2.76 12.34 -4.19
CA LEU A 115 2.31 13.60 -3.66
C LEU A 115 2.97 13.86 -2.29
N LEU A 116 2.99 12.83 -1.44
CA LEU A 116 3.61 12.97 -0.09
C LEU A 116 5.11 13.27 -0.20
N GLU A 117 5.78 12.56 -1.13
CA GLU A 117 7.20 12.82 -1.34
C GLU A 117 7.44 14.27 -1.79
N ILE A 118 6.62 14.71 -2.74
CA ILE A 118 6.77 16.07 -3.27
C ILE A 118 6.47 17.10 -2.21
N MET A 119 5.50 16.77 -1.39
CA MET A 119 5.13 17.65 -0.31
C MET A 119 6.29 17.81 0.65
N LYS A 120 6.82 16.67 1.10
CA LYS A 120 7.95 16.66 2.03
C LYS A 120 9.12 17.49 1.47
N ALA A 121 9.48 17.16 0.26
CA ALA A 121 10.57 17.84 -0.39
C ALA A 121 10.39 19.35 -0.48
N HIS A 122 9.13 19.81 -0.54
CA HIS A 122 8.88 21.26 -0.63
C HIS A 122 8.52 21.88 0.72
N GLY A 123 8.74 21.09 1.75
CA GLY A 123 8.43 21.57 3.07
C GLY A 123 6.96 21.82 3.37
N VAL A 124 6.04 21.04 2.77
CA VAL A 124 4.59 21.20 3.03
C VAL A 124 4.18 19.90 3.77
N LYS A 125 3.92 20.02 5.06
CA LYS A 125 3.64 18.82 5.84
C LYS A 125 2.33 18.84 6.58
N ASN A 126 1.34 19.39 5.89
CA ASN A 126 -0.01 19.50 6.39
C ASN A 126 -0.95 18.93 5.36
N LEU A 127 -1.67 17.86 5.70
CA LEU A 127 -2.52 17.23 4.74
C LEU A 127 -3.90 16.87 5.27
N VAL A 128 -4.90 16.94 4.37
CA VAL A 128 -6.26 16.52 4.57
C VAL A 128 -6.47 15.45 3.53
N PHE A 129 -6.74 14.21 3.94
CA PHE A 129 -6.90 13.10 3.05
C PHE A 129 -8.30 12.54 2.97
N SER A 130 -8.75 12.31 1.75
CA SER A 130 -10.07 11.76 1.52
C SER A 130 -10.10 10.27 1.74
N SER A 131 -10.59 9.84 2.91
CA SER A 131 -10.66 8.41 3.17
C SER A 131 -12.12 7.96 3.05
N SER A 132 -12.47 6.76 3.52
CA SER A 132 -13.85 6.33 3.36
C SER A 132 -14.22 5.28 4.36
N ALA A 133 -15.52 5.19 4.61
CA ALA A 133 -16.05 4.18 5.54
C ALA A 133 -15.77 2.76 5.05
N THR A 134 -15.38 2.64 3.78
CA THR A 134 -15.09 1.31 3.29
C THR A 134 -13.87 0.71 3.97
N VAL A 135 -13.00 1.55 4.53
CA VAL A 135 -11.83 1.01 5.20
C VAL A 135 -12.20 0.10 6.38
N TYR A 136 -13.43 0.27 6.93
CA TYR A 136 -13.87 -0.51 8.06
C TYR A 136 -14.23 -1.94 7.64
N GLY A 137 -14.42 -2.15 6.33
CA GLY A 137 -14.80 -3.45 5.83
C GLY A 137 -16.25 -3.77 6.25
N ASN A 138 -16.62 -5.07 6.34
CA ASN A 138 -17.96 -5.46 6.77
C ASN A 138 -18.08 -5.13 8.24
N PRO A 139 -18.99 -4.24 8.61
CA PRO A 139 -19.13 -3.84 9.99
C PRO A 139 -19.19 -4.98 10.99
N GLN A 140 -18.37 -4.88 12.03
CA GLN A 140 -18.40 -5.93 13.03
C GLN A 140 -19.38 -5.53 14.13
N TYR A 141 -19.68 -4.27 14.12
CA TYR A 141 -20.63 -3.67 15.02
C TYR A 141 -21.04 -2.33 14.50
N LEU A 142 -22.10 -1.77 15.07
CA LEU A 142 -22.59 -0.47 14.69
C LEU A 142 -22.98 0.32 15.94
N PRO A 143 -22.90 1.64 15.92
CA PRO A 143 -22.42 2.41 14.76
C PRO A 143 -20.90 2.24 14.63
N LEU A 144 -20.31 2.66 13.50
CA LEU A 144 -18.87 2.54 13.30
C LEU A 144 -18.13 3.71 13.87
N ASP A 145 -17.35 3.47 14.92
CA ASP A 145 -16.56 4.54 15.50
C ASP A 145 -15.15 4.42 14.90
N GLU A 146 -14.33 5.42 15.12
CA GLU A 146 -12.99 5.39 14.54
C GLU A 146 -12.16 4.24 15.02
N ALA A 147 -12.47 3.71 16.21
CA ALA A 147 -11.76 2.58 16.79
C ALA A 147 -12.14 1.25 16.16
N HIS A 148 -13.19 1.24 15.35
CA HIS A 148 -13.57 0.00 14.70
C HIS A 148 -12.41 -0.50 13.85
N PRO A 149 -12.18 -1.80 13.82
CA PRO A 149 -11.10 -2.32 13.00
C PRO A 149 -11.15 -1.90 11.53
N THR A 150 -9.94 -1.64 10.98
CA THR A 150 -9.78 -1.23 9.61
C THR A 150 -8.92 -2.19 8.90
N GLY A 151 -9.11 -2.25 7.62
CA GLY A 151 -8.33 -3.20 6.88
C GLY A 151 -9.25 -4.40 6.78
N GLY A 152 -8.92 -5.42 6.03
CA GLY A 152 -9.88 -6.49 5.94
C GLY A 152 -10.99 -6.02 5.00
N CYS A 153 -10.65 -4.94 4.23
CA CYS A 153 -11.50 -4.29 3.22
C CYS A 153 -11.75 -5.24 2.11
N THR A 154 -12.78 -5.00 1.35
CA THR A 154 -13.08 -5.95 0.34
C THR A 154 -12.35 -5.91 -0.98
N ASN A 155 -12.41 -4.76 -1.55
CA ASN A 155 -11.86 -4.58 -2.84
C ASN A 155 -10.60 -3.74 -2.88
N PRO A 156 -10.04 -3.70 -4.08
CA PRO A 156 -8.82 -2.94 -4.28
C PRO A 156 -9.02 -1.47 -3.95
N TYR A 157 -10.21 -0.96 -4.20
CA TYR A 157 -10.41 0.43 -3.88
C TYR A 157 -10.31 0.69 -2.37
N GLY A 158 -11.04 -0.13 -1.60
CA GLY A 158 -11.02 0.05 -0.19
C GLY A 158 -9.64 -0.22 0.39
N LYS A 159 -8.98 -1.24 -0.13
CA LYS A 159 -7.63 -1.57 0.35
C LYS A 159 -6.67 -0.40 0.07
N SER A 160 -6.84 0.22 -1.09
CA SER A 160 -5.96 1.35 -1.43
C SER A 160 -6.11 2.47 -0.40
N LYS A 161 -7.36 2.71 0.02
CA LYS A 161 -7.62 3.74 1.01
C LYS A 161 -6.97 3.39 2.36
N PHE A 162 -7.09 2.11 2.74
CA PHE A 162 -6.56 1.61 3.97
C PHE A 162 -5.03 1.71 4.00
N PHE A 163 -4.40 1.24 2.90
CA PHE A 163 -2.93 1.30 2.80
C PHE A 163 -2.45 2.75 2.89
N ILE A 164 -3.19 3.68 2.28
CA ILE A 164 -2.81 5.08 2.35
C ILE A 164 -2.90 5.59 3.76
N GLU A 165 -3.98 5.23 4.47
CA GLU A 165 -4.12 5.68 5.86
C GLU A 165 -2.90 5.20 6.66
N GLU A 166 -2.62 3.93 6.45
CA GLU A 166 -1.49 3.33 7.18
C GLU A 166 -0.20 4.07 6.93
N MET A 167 0.07 4.36 5.67
CA MET A 167 1.27 5.09 5.34
C MET A 167 1.36 6.43 6.00
N ILE A 168 0.27 7.16 6.01
CA ILE A 168 0.29 8.45 6.61
C ILE A 168 0.48 8.36 8.12
N ARG A 169 -0.12 7.36 8.70
CA ARG A 169 0.02 7.15 10.13
C ARG A 169 1.51 6.95 10.47
N ASP A 170 2.17 6.13 9.65
CA ASP A 170 3.60 5.90 9.87
C ASP A 170 4.42 7.15 9.66
N LEU A 171 4.07 7.88 8.64
CA LEU A 171 4.78 9.08 8.38
C LEU A 171 4.71 10.04 9.56
N CYS A 172 3.51 10.17 10.16
CA CYS A 172 3.35 11.10 11.27
C CYS A 172 4.11 10.61 12.52
N GLN A 173 4.15 9.28 12.65
CA GLN A 173 4.81 8.63 13.75
C GLN A 173 6.30 8.91 13.69
N ALA A 174 6.85 8.84 12.50
CA ALA A 174 8.27 9.06 12.31
C ALA A 174 8.69 10.51 12.34
N ASP A 175 7.79 11.38 11.95
CA ASP A 175 8.11 12.79 11.92
C ASP A 175 6.99 13.56 12.55
N LYS A 176 7.25 13.95 13.79
CA LYS A 176 6.29 14.68 14.59
C LYS A 176 5.91 16.03 13.98
N THR A 177 6.66 16.46 12.96
CA THR A 177 6.29 17.74 12.35
C THR A 177 5.08 17.67 11.36
N TRP A 178 4.77 16.50 10.84
CA TRP A 178 3.63 16.38 9.94
C TRP A 178 2.34 16.48 10.73
N ASN A 179 1.34 17.02 10.10
CA ASN A 179 -0.01 17.13 10.59
C ASN A 179 -0.87 16.58 9.45
N VAL A 180 -1.76 15.63 9.74
CA VAL A 180 -2.60 15.03 8.72
C VAL A 180 -3.96 14.71 9.29
N VAL A 181 -4.99 15.08 8.59
CA VAL A 181 -6.34 14.76 9.01
C VAL A 181 -6.93 13.78 8.00
N LEU A 182 -7.25 12.55 8.42
CA LEU A 182 -7.82 11.54 7.54
C LEU A 182 -9.30 11.55 7.79
N LEU A 183 -10.05 11.82 6.75
CA LEU A 183 -11.52 11.93 6.87
C LEU A 183 -12.17 10.77 6.20
N ARG A 184 -12.86 9.97 7.00
CA ARG A 184 -13.52 8.82 6.45
C ARG A 184 -14.96 9.21 6.09
N TYR A 185 -15.18 9.50 4.83
CA TYR A 185 -16.54 9.90 4.50
C TYR A 185 -17.50 8.73 4.47
N PHE A 186 -18.77 9.03 4.76
CA PHE A 186 -19.82 8.04 4.67
C PHE A 186 -20.41 8.11 3.25
N ASN A 187 -21.72 8.30 3.06
CA ASN A 187 -22.27 8.36 1.69
C ASN A 187 -22.70 9.76 1.31
N PRO A 188 -21.80 10.49 0.65
CA PRO A 188 -22.11 11.85 0.26
C PRO A 188 -23.27 11.92 -0.71
N THR A 189 -24.13 12.90 -0.41
CA THR A 189 -25.32 13.15 -1.24
C THR A 189 -25.74 14.63 -1.23
N GLY A 190 -26.72 14.97 -2.10
CA GLY A 190 -27.14 16.35 -2.14
C GLY A 190 -26.29 17.22 -3.10
N ALA A 191 -26.54 18.52 -3.00
CA ALA A 191 -25.82 19.48 -3.84
C ALA A 191 -25.88 20.84 -3.22
N HIS A 192 -25.01 21.75 -3.72
CA HIS A 192 -24.99 23.09 -3.25
C HIS A 192 -26.40 23.62 -3.42
N ALA A 193 -26.84 24.45 -2.50
CA ALA A 193 -28.23 24.94 -2.55
C ALA A 193 -28.64 25.76 -3.75
N SER A 194 -27.68 26.23 -4.53
CA SER A 194 -27.95 27.00 -5.72
C SER A 194 -28.58 26.13 -6.80
N GLY A 195 -28.25 24.83 -6.80
CA GLY A 195 -28.75 23.89 -7.79
C GLY A 195 -27.86 23.90 -9.06
N CYS A 196 -26.81 24.75 -9.02
CA CYS A 196 -25.87 24.93 -10.10
C CYS A 196 -24.82 23.88 -10.22
N ILE A 197 -24.45 23.23 -9.14
CA ILE A 197 -23.45 22.17 -9.21
C ILE A 197 -23.97 21.00 -8.44
N GLY A 198 -23.45 19.83 -8.75
CA GLY A 198 -23.84 18.62 -8.07
C GLY A 198 -23.03 17.49 -8.59
N GLU A 199 -23.49 16.28 -8.33
CA GLU A 199 -22.87 15.08 -8.75
C GLU A 199 -23.22 14.90 -10.20
N ASP A 200 -22.20 14.71 -11.01
CA ASP A 200 -22.37 14.60 -12.42
C ASP A 200 -21.82 13.32 -13.00
N PRO A 201 -22.51 12.25 -12.80
CA PRO A 201 -22.08 10.96 -13.29
C PRO A 201 -22.15 10.88 -14.81
N GLN A 202 -21.22 10.10 -15.36
CA GLN A 202 -21.17 9.86 -16.79
C GLN A 202 -21.72 8.45 -17.02
N GLY A 203 -22.76 8.32 -17.83
CA GLY A 203 -23.35 7.01 -18.10
C GLY A 203 -24.34 6.60 -17.00
N ILE A 204 -24.57 5.28 -16.88
CA ILE A 204 -25.49 4.75 -15.85
C ILE A 204 -24.82 4.85 -14.47
N PRO A 205 -25.44 5.59 -13.59
CA PRO A 205 -24.88 5.77 -12.28
C PRO A 205 -24.78 4.47 -11.51
N ASN A 206 -23.67 4.32 -10.79
CA ASN A 206 -23.41 3.12 -10.00
C ASN A 206 -23.95 3.29 -8.58
N ASN A 207 -24.05 4.54 -8.16
CA ASN A 207 -24.53 4.86 -6.84
C ASN A 207 -26.01 5.12 -6.81
N LEU A 208 -26.57 4.95 -5.64
CA LEU A 208 -27.99 5.06 -5.43
C LEU A 208 -28.68 6.35 -5.82
N MET A 209 -28.29 7.40 -5.15
CA MET A 209 -28.93 8.67 -5.27
C MET A 209 -29.10 9.24 -6.67
N PRO A 210 -28.03 9.27 -7.43
CA PRO A 210 -28.10 9.79 -8.79
C PRO A 210 -29.06 8.95 -9.65
N TYR A 211 -29.09 7.64 -9.40
CA TYR A 211 -29.97 6.77 -10.13
C TYR A 211 -31.39 7.17 -9.73
N VAL A 212 -31.63 7.32 -8.46
CA VAL A 212 -32.97 7.70 -8.03
C VAL A 212 -33.44 9.03 -8.66
N SER A 213 -32.59 10.04 -8.63
CA SER A 213 -32.97 11.31 -9.19
C SER A 213 -33.18 11.19 -10.69
N GLN A 214 -32.42 10.32 -11.30
CA GLN A 214 -32.58 10.18 -12.74
C GLN A 214 -33.92 9.56 -13.08
N VAL A 215 -34.41 8.70 -12.20
CA VAL A 215 -35.72 8.09 -12.41
C VAL A 215 -36.78 9.19 -12.22
N ALA A 216 -36.64 9.91 -11.13
CA ALA A 216 -37.55 10.97 -10.80
C ALA A 216 -37.63 11.99 -11.92
N ILE A 217 -36.50 12.32 -12.55
CA ILE A 217 -36.47 13.30 -13.63
C ILE A 217 -37.04 12.72 -14.90
N GLY A 218 -37.18 11.38 -14.95
CA GLY A 218 -37.75 10.75 -16.13
C GLY A 218 -36.78 10.17 -17.16
N ARG A 219 -35.50 10.10 -16.84
CA ARG A 219 -34.45 9.55 -17.70
C ARG A 219 -34.33 8.04 -17.66
N ARG A 220 -34.60 7.51 -16.48
CA ARG A 220 -34.55 6.09 -16.19
C ARG A 220 -35.99 5.68 -15.82
N GLU A 221 -36.39 4.46 -16.20
CA GLU A 221 -37.76 4.01 -15.96
C GLU A 221 -38.07 3.64 -14.52
N ALA A 222 -37.18 2.83 -13.93
CA ALA A 222 -37.32 2.35 -12.56
C ALA A 222 -35.99 2.12 -11.85
N LEU A 223 -35.99 2.23 -10.52
CA LEU A 223 -34.79 1.95 -9.74
C LEU A 223 -34.65 0.45 -9.59
N ASN A 224 -33.43 -0.07 -9.78
CA ASN A 224 -33.13 -1.47 -9.58
C ASN A 224 -32.63 -1.55 -8.15
N VAL A 225 -33.39 -2.19 -7.28
CA VAL A 225 -32.98 -2.29 -5.89
C VAL A 225 -32.17 -3.54 -5.73
N PHE A 226 -30.91 -3.40 -5.26
CA PHE A 226 -30.00 -4.54 -5.13
C PHE A 226 -30.21 -5.44 -3.93
N GLY A 227 -31.27 -6.22 -3.98
CA GLY A 227 -31.55 -7.14 -2.90
C GLY A 227 -32.42 -6.50 -1.83
N ASN A 228 -33.32 -7.31 -1.26
CA ASN A 228 -34.19 -6.83 -0.20
C ASN A 228 -34.33 -7.88 0.89
N ASP A 229 -33.33 -8.74 0.95
CA ASP A 229 -33.24 -9.81 1.90
C ASP A 229 -32.10 -9.58 2.91
N TYR A 230 -31.70 -8.34 3.13
CA TYR A 230 -30.65 -8.17 4.09
C TYR A 230 -31.26 -8.16 5.49
N ASP A 231 -30.43 -8.31 6.52
CA ASP A 231 -30.91 -8.26 7.89
C ASP A 231 -31.04 -6.79 8.36
N THR A 232 -32.02 -6.10 7.80
CA THR A 232 -32.33 -4.73 8.12
C THR A 232 -33.83 -4.65 8.29
N GLU A 233 -34.32 -3.56 8.82
CA GLU A 233 -35.74 -3.38 9.03
C GLU A 233 -36.61 -3.68 7.80
N ASP A 234 -36.24 -3.15 6.63
CA ASP A 234 -37.03 -3.41 5.43
C ASP A 234 -36.40 -4.38 4.46
N GLY A 235 -35.21 -4.88 4.81
CA GLY A 235 -34.51 -5.85 3.98
C GLY A 235 -33.56 -5.19 3.00
N THR A 236 -33.67 -3.86 2.90
CA THR A 236 -32.82 -3.14 1.98
C THR A 236 -31.63 -2.52 2.67
N GLY A 237 -30.56 -2.30 1.93
CA GLY A 237 -29.36 -1.74 2.50
C GLY A 237 -29.56 -0.42 3.23
N VAL A 238 -28.82 -0.27 4.33
CA VAL A 238 -28.88 0.91 5.14
C VAL A 238 -27.54 1.65 5.12
N ARG A 239 -27.61 2.96 4.91
CA ARG A 239 -26.40 3.77 4.86
C ARG A 239 -26.56 5.11 5.50
N ASP A 240 -25.44 5.71 5.92
CA ASP A 240 -25.47 7.00 6.52
C ASP A 240 -25.24 8.04 5.41
N TYR A 241 -26.30 8.64 4.91
CA TYR A 241 -26.20 9.66 3.84
C TYR A 241 -25.88 11.01 4.42
N ILE A 242 -24.87 11.70 3.89
CA ILE A 242 -24.46 12.98 4.42
C ILE A 242 -24.40 13.99 3.29
N HIS A 243 -24.96 15.16 3.58
CA HIS A 243 -25.00 16.25 2.63
C HIS A 243 -23.58 16.69 2.24
N VAL A 244 -23.33 16.75 0.92
CA VAL A 244 -22.02 17.14 0.40
C VAL A 244 -21.56 18.48 0.92
N VAL A 245 -22.50 19.38 1.20
CA VAL A 245 -22.13 20.67 1.70
C VAL A 245 -21.56 20.55 3.11
N ASP A 246 -22.16 19.67 3.94
CA ASP A 246 -21.67 19.46 5.30
C ASP A 246 -20.27 18.86 5.22
N LEU A 247 -20.18 17.91 4.32
CA LEU A 247 -18.91 17.23 4.09
C LEU A 247 -17.84 18.21 3.70
N ALA A 248 -18.15 19.11 2.75
CA ALA A 248 -17.21 20.11 2.32
C ALA A 248 -16.81 21.00 3.47
N LYS A 249 -17.78 21.37 4.32
CA LYS A 249 -17.44 22.23 5.44
C LYS A 249 -16.54 21.51 6.44
N GLY A 250 -16.66 20.20 6.51
CA GLY A 250 -15.79 19.41 7.41
C GLY A 250 -14.32 19.56 7.04
N HIS A 251 -14.05 19.94 5.77
CA HIS A 251 -12.70 20.12 5.23
C HIS A 251 -12.10 21.39 5.75
N ILE A 252 -12.95 22.39 5.94
CA ILE A 252 -12.51 23.65 6.50
C ILE A 252 -12.14 23.44 7.99
N ALA A 253 -12.90 22.59 8.63
CA ALA A 253 -12.69 22.25 10.03
C ALA A 253 -11.35 21.52 10.13
N ALA A 254 -11.11 20.66 9.15
CA ALA A 254 -9.86 19.90 9.11
C ALA A 254 -8.68 20.85 8.94
N LEU A 255 -8.75 21.88 8.11
CA LEU A 255 -7.67 22.82 7.97
C LEU A 255 -7.38 23.51 9.29
N ARG A 256 -8.44 23.86 10.02
CA ARG A 256 -8.24 24.52 11.30
C ARG A 256 -7.57 23.57 12.28
N LYS A 257 -7.88 22.28 12.19
CA LYS A 257 -7.28 21.28 13.06
C LYS A 257 -5.77 21.18 12.82
N LEU A 258 -5.39 21.28 11.55
CA LEU A 258 -3.99 21.20 11.15
C LEU A 258 -3.19 22.31 11.84
N LYS A 259 -3.80 23.51 11.84
CA LYS A 259 -3.21 24.68 12.44
C LYS A 259 -2.94 24.50 13.92
N GLU A 260 -3.56 23.48 14.52
CA GLU A 260 -3.31 23.24 15.93
C GLU A 260 -2.11 22.35 16.08
N GLN A 261 -1.45 21.99 14.97
CA GLN A 261 -0.32 21.10 15.03
C GLN A 261 -0.81 19.83 15.68
N CYS A 262 -1.83 19.27 15.10
CA CYS A 262 -2.47 18.10 15.65
C CYS A 262 -1.82 16.74 15.40
N GLY A 263 -0.80 16.65 14.58
CA GLY A 263 -0.26 15.33 14.33
C GLY A 263 -1.24 14.61 13.41
N CYS A 264 -1.29 13.30 13.53
CA CYS A 264 -2.21 12.52 12.73
C CYS A 264 -3.55 12.39 13.46
N ARG A 265 -4.66 12.69 12.81
CA ARG A 265 -6.00 12.58 13.41
C ARG A 265 -6.88 11.90 12.40
N ILE A 266 -7.85 11.12 12.86
CA ILE A 266 -8.76 10.41 11.96
C ILE A 266 -10.17 10.64 12.41
N TYR A 267 -11.02 11.09 11.50
CA TYR A 267 -12.40 11.37 11.85
C TYR A 267 -13.40 10.86 10.84
N ASN A 268 -14.51 10.36 11.33
CA ASN A 268 -15.59 9.94 10.44
C ASN A 268 -16.34 11.18 10.06
N LEU A 269 -16.82 11.23 8.82
CA LEU A 269 -17.65 12.36 8.43
C LEU A 269 -18.97 11.74 7.99
N GLY A 270 -19.93 11.68 8.90
CA GLY A 270 -21.25 11.11 8.64
C GLY A 270 -22.25 11.82 9.53
N THR A 271 -23.54 11.47 9.41
CA THR A 271 -24.56 12.11 10.23
C THR A 271 -24.90 11.30 11.49
N GLY A 272 -24.62 10.03 11.42
CA GLY A 272 -24.93 9.15 12.53
C GLY A 272 -26.31 8.49 12.34
N THR A 273 -27.02 8.85 11.28
CA THR A 273 -28.32 8.28 11.01
C THR A 273 -28.27 7.50 9.73
N GLY A 274 -28.78 6.27 9.76
CA GLY A 274 -28.84 5.34 8.64
C GLY A 274 -30.26 5.33 8.04
N TYR A 275 -30.33 5.30 6.72
CA TYR A 275 -31.58 5.23 5.94
C TYR A 275 -31.51 4.08 4.95
N SER A 276 -32.62 3.37 4.74
CA SER A 276 -32.58 2.29 3.81
C SER A 276 -32.84 2.80 2.39
N VAL A 277 -32.65 1.89 1.46
CA VAL A 277 -32.88 2.20 0.06
C VAL A 277 -34.32 2.71 -0.12
N LEU A 278 -35.29 1.97 0.43
CA LEU A 278 -36.70 2.37 0.31
C LEU A 278 -36.96 3.68 1.00
N GLN A 279 -36.29 3.91 2.11
CA GLN A 279 -36.49 5.18 2.75
C GLN A 279 -35.98 6.37 1.89
N MET A 280 -34.88 6.15 1.16
CA MET A 280 -34.34 7.17 0.30
C MET A 280 -35.28 7.42 -0.90
N VAL A 281 -35.80 6.33 -1.45
CA VAL A 281 -36.77 6.48 -2.56
C VAL A 281 -37.95 7.33 -2.13
N GLN A 282 -38.48 6.98 -0.98
CA GLN A 282 -39.60 7.70 -0.44
C GLN A 282 -39.29 9.17 -0.20
N ALA A 283 -38.10 9.48 0.33
CA ALA A 283 -37.78 10.87 0.55
C ALA A 283 -37.63 11.65 -0.79
N MET A 284 -37.18 10.92 -1.82
CA MET A 284 -37.01 11.50 -3.15
C MET A 284 -38.36 11.76 -3.80
N GLU A 285 -39.33 10.84 -3.55
CA GLU A 285 -40.71 11.04 -4.04
C GLU A 285 -41.23 12.30 -3.41
N LYS A 286 -41.00 12.43 -2.10
CA LYS A 286 -41.43 13.64 -1.43
C LYS A 286 -40.75 14.92 -1.98
N ALA A 287 -39.44 14.86 -2.24
CA ALA A 287 -38.78 16.05 -2.73
C ALA A 287 -39.17 16.46 -4.11
N SER A 288 -39.26 15.46 -4.93
CA SER A 288 -39.55 15.62 -6.35
C SER A 288 -40.99 15.82 -6.72
N GLY A 289 -41.90 15.33 -5.89
CA GLY A 289 -43.34 15.44 -6.15
C GLY A 289 -43.73 14.46 -7.24
N LYS A 290 -42.89 13.44 -7.46
CA LYS A 290 -43.09 12.39 -8.44
C LYS A 290 -42.98 11.00 -7.86
N LYS A 291 -43.72 10.05 -8.42
CA LYS A 291 -43.65 8.68 -7.96
C LYS A 291 -42.37 8.11 -8.55
N ILE A 292 -41.67 7.28 -7.79
CA ILE A 292 -40.42 6.69 -8.22
C ILE A 292 -40.48 5.19 -8.19
N PRO A 293 -40.73 4.60 -9.33
CA PRO A 293 -40.81 3.17 -9.37
C PRO A 293 -39.48 2.49 -9.16
N TYR A 294 -39.56 1.21 -8.83
CA TYR A 294 -38.39 0.39 -8.62
C TYR A 294 -38.71 -1.05 -8.66
N LYS A 295 -37.68 -1.82 -8.93
CA LYS A 295 -37.78 -3.25 -9.00
C LYS A 295 -36.65 -3.87 -8.20
N VAL A 296 -36.96 -4.93 -7.48
CA VAL A 296 -35.97 -5.61 -6.70
C VAL A 296 -35.21 -6.63 -7.52
N VAL A 297 -33.91 -6.52 -7.55
CA VAL A 297 -33.10 -7.43 -8.31
C VAL A 297 -32.12 -8.10 -7.38
N ALA A 298 -31.21 -8.86 -7.95
CA ALA A 298 -30.22 -9.59 -7.20
C ALA A 298 -29.32 -8.68 -6.39
N ARG A 299 -28.78 -9.23 -5.31
CA ARG A 299 -27.87 -8.49 -4.47
C ARG A 299 -26.61 -8.12 -5.28
N ARG A 300 -25.96 -7.04 -4.90
CA ARG A 300 -24.75 -6.63 -5.58
C ARG A 300 -23.56 -7.21 -4.86
N GLU A 301 -22.64 -7.79 -5.61
CA GLU A 301 -21.46 -8.38 -5.00
C GLU A 301 -20.72 -7.46 -4.06
N GLY A 302 -20.41 -7.97 -2.86
CA GLY A 302 -19.67 -7.25 -1.82
C GLY A 302 -20.41 -6.20 -1.01
N ASP A 303 -21.72 -6.12 -1.24
CA ASP A 303 -22.55 -5.16 -0.56
C ASP A 303 -22.75 -5.44 0.90
N VAL A 304 -22.65 -4.42 1.74
CA VAL A 304 -22.89 -4.69 3.16
C VAL A 304 -24.33 -4.41 3.51
N ALA A 305 -24.83 -5.04 4.55
CA ALA A 305 -26.20 -4.84 4.96
C ALA A 305 -26.49 -3.43 5.46
N ALA A 306 -25.71 -2.99 6.44
CA ALA A 306 -25.89 -1.70 7.06
C ALA A 306 -24.57 -1.09 7.47
N CYS A 307 -24.48 0.21 7.28
CA CYS A 307 -23.30 0.93 7.66
C CYS A 307 -23.75 2.34 8.03
N TYR A 308 -23.27 2.83 9.16
CA TYR A 308 -23.55 4.19 9.63
C TYR A 308 -22.49 4.59 10.68
N ALA A 309 -22.23 5.86 10.77
CA ALA A 309 -21.20 6.36 11.61
C ALA A 309 -21.55 6.71 13.03
N ASN A 310 -20.51 6.83 13.82
CA ASN A 310 -20.60 7.35 15.14
C ASN A 310 -19.85 8.65 14.92
N PRO A 311 -20.57 9.75 14.85
CA PRO A 311 -19.99 11.05 14.56
C PRO A 311 -19.55 11.89 15.75
N SER A 312 -19.48 11.30 16.94
CA SER A 312 -19.10 12.09 18.10
C SER A 312 -17.66 12.61 18.13
N LEU A 313 -16.70 11.81 17.66
CA LEU A 313 -15.30 12.25 17.70
C LEU A 313 -15.13 13.55 16.95
N ALA A 314 -15.73 13.56 15.78
CA ALA A 314 -15.67 14.74 14.91
C ALA A 314 -16.36 15.94 15.55
N GLN A 315 -17.49 15.70 16.22
CA GLN A 315 -18.13 16.84 16.84
C GLN A 315 -17.25 17.40 17.94
N GLU A 316 -16.66 16.47 18.66
CA GLU A 316 -15.83 16.88 19.76
C GLU A 316 -14.52 17.51 19.39
N GLU A 317 -13.74 16.79 18.58
CA GLU A 317 -12.42 17.25 18.20
C GLU A 317 -12.36 18.20 17.04
N LEU A 318 -13.17 17.93 16.05
CA LEU A 318 -13.14 18.77 14.88
C LEU A 318 -13.92 20.07 15.04
N GLY A 319 -14.93 20.03 15.91
CA GLY A 319 -15.76 21.21 16.11
C GLY A 319 -16.73 21.27 14.92
N TRP A 320 -17.13 20.08 14.44
CA TRP A 320 -17.99 19.99 13.27
C TRP A 320 -19.10 18.98 13.39
N THR A 321 -20.25 19.32 12.81
CA THR A 321 -21.35 18.42 12.80
C THR A 321 -22.13 18.57 11.49
N ALA A 322 -22.72 17.48 11.03
CA ALA A 322 -23.49 17.56 9.81
C ALA A 322 -24.86 18.18 10.12
N ALA A 323 -25.01 19.43 9.68
CA ALA A 323 -26.18 20.22 9.89
C ALA A 323 -27.38 19.92 8.99
N LEU A 324 -27.17 19.29 7.85
CA LEU A 324 -28.27 19.08 6.94
C LEU A 324 -28.96 17.73 7.00
N GLY A 325 -30.29 17.79 7.11
CA GLY A 325 -31.09 16.59 7.21
C GLY A 325 -31.44 15.99 5.89
N LEU A 326 -32.13 14.89 5.98
CA LEU A 326 -32.57 14.11 4.88
C LEU A 326 -33.40 14.89 3.87
N ASP A 327 -34.41 15.65 4.31
CA ASP A 327 -35.22 16.38 3.32
C ASP A 327 -34.41 17.39 2.55
N ARG A 328 -33.50 18.06 3.25
CA ARG A 328 -32.57 19.03 2.65
C ARG A 328 -31.73 18.37 1.56
N MET A 329 -31.17 17.20 1.87
CA MET A 329 -30.36 16.45 0.94
C MET A 329 -31.15 16.14 -0.29
N CYS A 330 -32.37 15.68 -0.09
CA CYS A 330 -33.24 15.32 -1.20
C CYS A 330 -33.70 16.54 -1.99
N GLU A 331 -34.07 17.59 -1.32
CA GLU A 331 -34.48 18.77 -2.03
C GLU A 331 -33.34 19.39 -2.84
N ASP A 332 -32.13 19.35 -2.28
CA ASP A 332 -30.97 19.92 -2.96
C ASP A 332 -30.54 19.11 -4.16
N LEU A 333 -30.66 17.82 -4.01
CA LEU A 333 -30.34 16.91 -5.07
C LEU A 333 -31.37 17.13 -6.19
N TRP A 334 -32.62 17.26 -5.80
CA TRP A 334 -33.66 17.45 -6.78
C TRP A 334 -33.46 18.74 -7.56
N ARG A 335 -33.12 19.80 -6.88
CA ARG A 335 -32.94 21.09 -7.52
C ARG A 335 -31.86 21.01 -8.61
N TRP A 336 -30.74 20.36 -8.28
CA TRP A 336 -29.62 20.22 -9.20
C TRP A 336 -30.04 19.41 -10.40
N GLN A 337 -30.75 18.35 -10.13
CA GLN A 337 -31.22 17.46 -11.15
C GLN A 337 -32.23 18.11 -12.14
N LYS A 338 -33.16 18.83 -11.57
CA LYS A 338 -34.18 19.47 -12.34
C LYS A 338 -33.62 20.58 -13.15
N GLN A 339 -32.83 21.42 -12.52
CA GLN A 339 -32.24 22.53 -13.25
C GLN A 339 -31.19 22.07 -14.26
N ASN A 340 -30.70 20.84 -14.13
CA ASN A 340 -29.68 20.32 -15.01
C ASN A 340 -29.95 18.90 -15.34
N PRO A 341 -31.02 18.73 -16.09
CA PRO A 341 -31.49 17.45 -16.51
C PRO A 341 -30.42 16.52 -17.09
N SER A 342 -29.41 17.10 -17.70
CA SER A 342 -28.39 16.23 -18.24
C SER A 342 -27.02 16.54 -17.62
N GLY A 343 -27.03 16.96 -16.37
CA GLY A 343 -25.78 17.27 -15.71
C GLY A 343 -25.13 18.51 -16.25
N PHE A 344 -23.80 18.54 -16.18
CA PHE A 344 -23.06 19.69 -16.67
C PHE A 344 -22.98 19.68 -18.20
N GLY A 345 -22.90 20.89 -18.73
CA GLY A 345 -22.78 21.14 -20.14
C GLY A 345 -21.99 22.43 -20.27
N THR A 346 -21.38 22.65 -21.42
CA THR A 346 -20.64 23.88 -21.62
C THR A 346 -21.64 25.02 -21.80
N GLN A 347 -21.19 26.23 -21.55
CA GLN A 347 -22.11 27.36 -21.70
C GLN A 347 -22.66 27.51 -23.12
N ALA A 348 -23.88 28.04 -23.20
CA ALA A 348 -24.46 28.25 -24.50
C ALA A 348 -23.98 29.60 -25.03
CA ALA B 2 9.88 -17.06 -23.04
C ALA B 2 10.84 -18.08 -22.49
N GLU B 3 12.02 -17.56 -22.21
CA GLU B 3 13.11 -18.37 -21.69
C GLU B 3 13.80 -17.76 -20.46
N LYS B 4 14.12 -16.48 -20.53
CA LYS B 4 14.81 -15.86 -19.44
C LYS B 4 13.97 -15.64 -18.18
N VAL B 5 14.69 -15.58 -17.08
CA VAL B 5 14.12 -15.27 -15.79
C VAL B 5 14.72 -13.97 -15.35
N LEU B 6 13.89 -12.97 -15.09
CA LEU B 6 14.38 -11.72 -14.61
C LEU B 6 14.57 -11.80 -13.10
N VAL B 7 15.73 -11.36 -12.63
CA VAL B 7 16.00 -11.36 -11.20
C VAL B 7 16.25 -9.95 -10.74
N THR B 8 15.30 -9.33 -10.07
CA THR B 8 15.50 -8.00 -9.58
C THR B 8 16.31 -8.04 -8.29
N GLY B 9 17.16 -7.05 -8.06
CA GLY B 9 17.99 -6.97 -6.85
C GLY B 9 18.89 -8.18 -6.75
N GLY B 10 19.24 -8.76 -7.90
CA GLY B 10 20.05 -9.96 -7.99
C GLY B 10 21.48 -9.85 -7.47
N ALA B 11 21.91 -8.64 -7.20
CA ALA B 11 23.26 -8.49 -6.73
C ALA B 11 23.33 -8.56 -5.22
N GLY B 12 22.16 -8.62 -4.56
CA GLY B 12 22.14 -8.63 -3.10
C GLY B 12 22.47 -10.01 -2.53
N TYR B 13 22.30 -10.11 -1.20
CA TYR B 13 22.63 -11.34 -0.51
C TYR B 13 21.88 -12.57 -0.97
N ILE B 14 20.55 -12.52 -0.84
CA ILE B 14 19.76 -13.67 -1.24
C ILE B 14 19.71 -13.83 -2.74
N GLY B 15 19.58 -12.67 -3.41
CA GLY B 15 19.53 -12.68 -4.89
C GLY B 15 20.77 -13.29 -5.55
N SER B 16 21.97 -12.89 -5.09
CA SER B 16 23.20 -13.43 -5.69
C SER B 16 23.30 -14.94 -5.49
N HIS B 17 22.90 -15.41 -4.31
CA HIS B 17 22.90 -16.85 -4.13
C HIS B 17 21.87 -17.54 -5.04
N THR B 18 20.75 -16.86 -5.26
CA THR B 18 19.74 -17.44 -6.09
C THR B 18 20.17 -17.47 -7.55
N VAL B 19 20.84 -16.37 -7.98
CA VAL B 19 21.37 -16.32 -9.36
C VAL B 19 22.31 -17.54 -9.58
N LEU B 20 23.15 -17.81 -8.55
CA LEU B 20 24.07 -18.95 -8.62
C LEU B 20 23.31 -20.23 -8.81
N GLU B 21 22.29 -20.40 -8.00
CA GLU B 21 21.48 -21.60 -8.10
C GLU B 21 20.80 -21.71 -9.45
N LEU B 22 20.30 -20.57 -9.94
CA LEU B 22 19.64 -20.58 -11.26
C LEU B 22 20.57 -21.05 -12.34
N LEU B 23 21.77 -20.50 -12.31
CA LEU B 23 22.75 -20.87 -13.30
C LEU B 23 23.07 -22.34 -13.22
N GLU B 24 23.23 -22.86 -12.00
CA GLU B 24 23.57 -24.26 -11.85
C GLU B 24 22.46 -25.20 -12.27
N ALA B 25 21.24 -24.71 -12.25
CA ALA B 25 20.08 -25.53 -12.59
C ALA B 25 19.77 -25.45 -14.07
N GLY B 26 20.55 -24.63 -14.79
CA GLY B 26 20.34 -24.52 -16.19
C GLY B 26 19.41 -23.38 -16.61
N TYR B 27 19.12 -22.46 -15.70
CA TYR B 27 18.27 -21.38 -16.11
C TYR B 27 19.15 -20.27 -16.64
N LEU B 28 18.50 -19.30 -17.31
CA LEU B 28 19.15 -18.12 -17.89
C LEU B 28 18.62 -16.88 -17.23
N PRO B 29 19.39 -16.37 -16.35
CA PRO B 29 18.93 -15.19 -15.67
C PRO B 29 19.42 -13.93 -16.32
N VAL B 30 18.66 -12.91 -16.04
CA VAL B 30 18.93 -11.54 -16.41
C VAL B 30 18.77 -10.81 -15.10
N VAL B 31 19.84 -10.21 -14.61
CA VAL B 31 19.80 -9.51 -13.37
C VAL B 31 19.85 -8.01 -13.47
N ILE B 32 19.05 -7.38 -12.64
CA ILE B 32 19.05 -5.93 -12.56
C ILE B 32 19.25 -5.53 -11.09
N ASP B 33 19.94 -4.42 -10.89
CA ASP B 33 20.23 -3.88 -9.57
C ASP B 33 20.71 -2.45 -9.72
N ASN B 34 20.44 -1.63 -8.71
CA ASN B 34 20.83 -0.25 -8.75
C ASN B 34 21.99 0.06 -7.85
N PHE B 35 22.60 -1.00 -7.29
CA PHE B 35 23.74 -0.85 -6.40
C PHE B 35 23.41 -0.16 -5.11
N HIS B 36 22.13 0.00 -4.78
CA HIS B 36 21.80 0.66 -3.54
C HIS B 36 22.44 -0.03 -2.35
N ASN B 37 22.48 -1.33 -2.38
CA ASN B 37 23.06 -2.12 -1.28
C ASN B 37 23.88 -3.26 -1.85
N ALA B 38 24.67 -2.96 -2.87
CA ALA B 38 25.52 -3.95 -3.50
C ALA B 38 26.81 -3.26 -3.87
N PHE B 39 27.89 -4.01 -3.77
CA PHE B 39 29.21 -3.47 -4.05
C PHE B 39 29.62 -3.62 -5.49
N ARG B 40 30.08 -2.55 -6.07
CA ARG B 40 30.51 -2.61 -7.45
C ARG B 40 31.91 -3.27 -7.64
N GLY B 41 32.05 -4.14 -8.61
CA GLY B 41 33.34 -4.78 -8.88
C GLY B 41 34.23 -3.83 -9.70
N GLY B 42 35.31 -4.36 -10.28
CA GLY B 42 36.20 -3.52 -11.10
C GLY B 42 35.66 -3.34 -12.53
N GLY B 43 34.69 -4.21 -12.88
CA GLY B 43 34.04 -4.24 -14.18
C GLY B 43 32.57 -3.78 -14.15
N SER B 44 31.79 -4.33 -15.05
CA SER B 44 30.40 -3.99 -15.20
C SER B 44 29.58 -4.57 -14.07
N LEU B 45 29.85 -5.83 -13.80
CA LEU B 45 29.18 -6.59 -12.77
C LEU B 45 29.48 -6.20 -11.34
N PRO B 46 28.46 -6.35 -10.50
CA PRO B 46 28.63 -6.14 -9.07
C PRO B 46 29.61 -7.28 -8.67
N GLU B 47 30.44 -7.01 -7.66
CA GLU B 47 31.42 -8.02 -7.22
C GLU B 47 30.80 -9.40 -6.95
N SER B 48 29.65 -9.38 -6.26
CA SER B 48 28.96 -10.61 -5.93
C SER B 48 28.69 -11.45 -7.16
N LEU B 49 28.19 -10.80 -8.21
CA LEU B 49 27.87 -11.53 -9.43
C LEU B 49 29.12 -11.89 -10.23
N ARG B 50 30.15 -11.04 -10.12
CA ARG B 50 31.42 -11.34 -10.79
C ARG B 50 31.92 -12.67 -10.22
N ARG B 51 31.78 -12.79 -8.91
CA ARG B 51 32.18 -14.02 -8.23
C ARG B 51 31.29 -15.20 -8.61
N VAL B 52 29.98 -14.97 -8.70
CA VAL B 52 29.10 -16.06 -9.07
C VAL B 52 29.46 -16.59 -10.44
N GLN B 53 29.83 -15.66 -11.30
CA GLN B 53 30.22 -16.02 -12.67
C GLN B 53 31.45 -16.91 -12.66
N GLU B 54 32.45 -16.48 -11.88
CA GLU B 54 33.68 -17.22 -11.68
C GLU B 54 33.37 -18.59 -11.09
N LEU B 55 32.50 -18.65 -10.05
CA LEU B 55 32.18 -19.93 -9.45
C LEU B 55 31.42 -20.88 -10.33
N THR B 56 30.50 -20.38 -11.14
CA THR B 56 29.73 -21.31 -11.95
C THR B 56 30.32 -21.55 -13.31
N GLY B 57 31.19 -20.63 -13.72
CA GLY B 57 31.77 -20.74 -15.05
C GLY B 57 30.68 -20.45 -16.11
N ARG B 58 29.62 -19.75 -15.70
CA ARG B 58 28.49 -19.39 -16.58
C ARG B 58 28.38 -17.90 -16.59
N SER B 59 27.97 -17.32 -17.71
CA SER B 59 27.89 -15.87 -17.77
C SER B 59 26.70 -15.29 -17.08
N VAL B 60 26.92 -14.10 -16.53
CA VAL B 60 25.86 -13.40 -15.86
C VAL B 60 25.46 -12.17 -16.67
N GLU B 61 24.25 -12.22 -17.16
CA GLU B 61 23.67 -11.15 -17.94
C GLU B 61 23.12 -10.16 -16.94
N PHE B 62 23.65 -8.95 -16.95
CA PHE B 62 23.29 -7.92 -16.02
C PHE B 62 23.06 -6.54 -16.61
N GLU B 63 22.17 -5.78 -16.00
CA GLU B 63 21.83 -4.43 -16.41
C GLU B 63 21.70 -3.55 -15.19
N GLU B 64 22.49 -2.48 -15.08
CA GLU B 64 22.36 -1.60 -13.95
C GLU B 64 21.15 -0.69 -14.15
N MET B 65 20.16 -0.80 -13.26
CA MET B 65 18.97 0.02 -13.38
C MET B 65 18.14 -0.04 -12.11
N ASP B 66 17.22 0.90 -12.01
CA ASP B 66 16.33 1.01 -10.87
C ASP B 66 14.92 0.59 -11.25
N ILE B 67 14.25 -0.16 -10.37
CA ILE B 67 12.86 -0.57 -10.65
C ILE B 67 11.92 0.63 -10.73
N LEU B 68 12.34 1.76 -10.20
CA LEU B 68 11.52 2.95 -10.21
C LEU B 68 11.59 3.69 -11.51
N ASP B 69 12.44 3.22 -12.38
CA ASP B 69 12.61 3.85 -13.68
C ASP B 69 11.76 3.16 -14.72
N GLN B 70 10.58 3.76 -14.94
CA GLN B 70 9.66 3.21 -15.92
C GLN B 70 10.24 3.03 -17.31
N GLY B 71 11.01 4.05 -17.77
CA GLY B 71 11.62 4.02 -19.07
C GLY B 71 12.55 2.85 -19.22
N ALA B 72 13.43 2.64 -18.20
CA ALA B 72 14.39 1.53 -18.21
C ALA B 72 13.71 0.16 -18.19
N LEU B 73 12.57 0.10 -17.44
CA LEU B 73 11.78 -1.14 -17.36
C LEU B 73 11.22 -1.49 -18.73
N GLN B 74 10.71 -0.43 -19.38
CA GLN B 74 10.16 -0.58 -20.75
C GLN B 74 11.24 -1.10 -21.70
N ARG B 75 12.42 -0.47 -21.68
CA ARG B 75 13.47 -0.95 -22.55
C ARG B 75 13.88 -2.37 -22.21
N LEU B 76 13.95 -2.69 -20.92
CA LEU B 76 14.37 -4.03 -20.52
C LEU B 76 13.45 -5.12 -21.02
N PHE B 77 12.14 -4.89 -20.86
CA PHE B 77 11.15 -5.85 -21.26
C PHE B 77 11.04 -5.99 -22.78
N LYS B 78 11.52 -4.97 -23.50
CA LYS B 78 11.53 -5.03 -24.98
C LYS B 78 12.75 -5.83 -25.45
N LYS B 79 13.86 -5.64 -24.76
CA LYS B 79 15.12 -6.31 -25.09
C LYS B 79 15.16 -7.79 -24.87
N TYR B 80 14.55 -8.21 -23.75
CA TYR B 80 14.50 -9.63 -23.43
C TYR B 80 13.09 -10.17 -23.35
N SER B 81 13.00 -11.47 -23.56
CA SER B 81 11.76 -12.22 -23.49
C SER B 81 11.76 -12.98 -22.19
N PHE B 82 11.05 -12.50 -21.20
CA PHE B 82 11.11 -13.22 -19.97
C PHE B 82 9.98 -14.17 -19.80
N MET B 83 10.23 -15.27 -19.05
CA MET B 83 9.17 -16.21 -18.76
C MET B 83 8.69 -16.03 -17.30
N ALA B 84 9.52 -15.43 -16.47
CA ALA B 84 9.19 -15.21 -15.06
C ALA B 84 10.10 -14.15 -14.45
N VAL B 85 9.71 -13.64 -13.34
CA VAL B 85 10.45 -12.62 -12.62
C VAL B 85 10.51 -13.01 -11.15
N ILE B 86 11.71 -12.93 -10.58
CA ILE B 86 11.95 -13.18 -9.16
C ILE B 86 12.30 -11.82 -8.62
N HIS B 87 11.47 -11.32 -7.76
CA HIS B 87 11.61 -10.00 -7.27
C HIS B 87 12.23 -9.81 -5.93
N PHE B 88 13.55 -9.58 -5.88
CA PHE B 88 14.27 -9.33 -4.61
C PHE B 88 14.48 -7.85 -4.29
N ALA B 89 14.50 -6.99 -5.29
CA ALA B 89 14.75 -5.58 -5.11
C ALA B 89 13.83 -4.90 -4.16
N GLY B 90 14.45 -4.18 -3.25
CA GLY B 90 13.71 -3.45 -2.25
C GLY B 90 14.62 -2.97 -1.15
N LEU B 91 14.05 -2.25 -0.20
CA LEU B 91 14.80 -1.73 0.93
C LEU B 91 14.48 -2.60 2.11
N LYS B 92 15.50 -2.89 2.92
CA LYS B 92 15.23 -3.69 4.10
C LYS B 92 15.55 -2.94 5.36
N ALA B 93 15.06 -3.45 6.47
CA ALA B 93 15.41 -2.69 7.62
C ALA B 93 16.85 -2.78 8.03
N MET B 94 17.38 -1.57 8.04
CA MET B 94 18.69 -1.31 8.48
C MET B 94 18.33 -0.70 9.83
N GLY B 95 17.15 -1.21 10.32
CA GLY B 95 16.41 -0.83 11.56
C GLY B 95 15.63 0.49 11.33
N GLU B 96 15.94 1.04 10.13
CA GLU B 96 15.55 2.27 9.46
C GLU B 96 14.09 2.57 9.18
N SER B 97 13.37 1.57 8.67
CA SER B 97 11.97 1.70 8.28
C SER B 97 11.13 2.65 9.11
N VAL B 98 11.11 2.39 10.41
CA VAL B 98 10.37 3.20 11.34
C VAL B 98 10.63 4.68 11.20
N GLN B 99 11.89 5.01 10.83
CA GLN B 99 12.30 6.39 10.68
C GLN B 99 12.24 6.97 9.29
N LYS B 100 12.01 6.15 8.25
CA LYS B 100 11.97 6.73 6.90
C LYS B 100 10.93 6.08 6.00
N PRO B 101 9.68 6.10 6.48
CA PRO B 101 8.57 5.48 5.81
C PRO B 101 8.45 5.69 4.31
N LEU B 102 8.62 6.94 3.86
CA LEU B 102 8.50 7.29 2.44
C LEU B 102 9.50 6.56 1.59
N ASP B 103 10.72 6.37 2.08
CA ASP B 103 11.68 5.66 1.27
C ASP B 103 11.24 4.23 1.06
N TYR B 104 10.73 3.65 2.13
CA TYR B 104 10.28 2.27 2.06
C TYR B 104 9.08 2.10 1.14
N TYR B 105 8.10 2.99 1.32
CA TYR B 105 6.89 2.95 0.53
C TYR B 105 7.20 3.24 -0.94
N ARG B 106 8.07 4.21 -1.19
CA ARG B 106 8.44 4.46 -2.56
C ARG B 106 9.11 3.26 -3.21
N VAL B 107 10.24 2.81 -2.65
CA VAL B 107 10.93 1.69 -3.25
C VAL B 107 10.19 0.36 -3.27
N ASN B 108 9.61 0.02 -2.10
CA ASN B 108 8.93 -1.24 -2.03
C ASN B 108 7.56 -1.25 -2.65
N LEU B 109 6.75 -0.24 -2.35
CA LEU B 109 5.41 -0.25 -2.95
C LEU B 109 5.39 0.26 -4.39
N THR B 110 5.81 1.54 -4.57
CA THR B 110 5.79 2.06 -5.94
C THR B 110 6.67 1.22 -6.84
N GLY B 111 7.85 0.81 -6.36
CA GLY B 111 8.70 0.00 -7.25
C GLY B 111 8.05 -1.30 -7.66
N THR B 112 7.43 -2.02 -6.68
CA THR B 112 6.76 -3.26 -7.01
C THR B 112 5.53 -3.04 -7.96
N ILE B 113 4.78 -1.99 -7.69
CA ILE B 113 3.64 -1.73 -8.58
C ILE B 113 4.13 -1.46 -10.01
N GLN B 114 5.21 -0.65 -10.17
CA GLN B 114 5.73 -0.41 -11.54
C GLN B 114 6.15 -1.69 -12.19
N LEU B 115 6.77 -2.58 -11.42
CA LEU B 115 7.19 -3.84 -11.96
C LEU B 115 5.99 -4.69 -12.38
N LEU B 116 4.97 -4.74 -11.52
CA LEU B 116 3.84 -5.53 -11.85
C LEU B 116 3.20 -4.99 -13.12
N GLU B 117 3.19 -3.67 -13.27
CA GLU B 117 2.56 -3.08 -14.47
C GLU B 117 3.25 -3.44 -15.79
N ILE B 118 4.55 -3.42 -15.72
CA ILE B 118 5.32 -3.76 -16.91
C ILE B 118 5.16 -5.19 -17.22
N MET B 119 5.15 -6.01 -16.14
CA MET B 119 4.98 -7.41 -16.38
C MET B 119 3.65 -7.69 -17.11
N LYS B 120 2.61 -7.04 -16.58
CA LYS B 120 1.29 -7.19 -17.13
C LYS B 120 1.32 -6.74 -18.60
N ALA B 121 1.92 -5.56 -18.81
CA ALA B 121 2.00 -4.97 -20.16
C ALA B 121 2.61 -5.91 -21.16
N HIS B 122 3.63 -6.64 -20.74
CA HIS B 122 4.35 -7.54 -21.60
C HIS B 122 3.96 -8.97 -21.55
N GLY B 123 2.89 -9.20 -20.82
CA GLY B 123 2.38 -10.53 -20.72
C GLY B 123 3.27 -11.49 -19.97
N VAL B 124 4.09 -10.95 -19.02
CA VAL B 124 4.97 -11.84 -18.23
C VAL B 124 4.27 -11.95 -16.86
N LYS B 125 3.28 -12.85 -16.73
CA LYS B 125 2.46 -12.93 -15.51
C LYS B 125 2.84 -14.08 -14.57
N ASN B 126 4.12 -14.20 -14.29
CA ASN B 126 4.67 -15.24 -13.43
C ASN B 126 5.69 -14.61 -12.56
N LEU B 127 5.38 -14.56 -11.28
CA LEU B 127 6.25 -13.92 -10.34
C LEU B 127 6.55 -14.74 -9.09
N VAL B 128 7.76 -14.55 -8.58
CA VAL B 128 8.20 -15.11 -7.31
C VAL B 128 8.53 -13.90 -6.49
N PHE B 129 7.90 -13.72 -5.35
CA PHE B 129 8.14 -12.55 -4.52
C PHE B 129 8.82 -12.79 -3.16
N SER B 130 9.77 -11.92 -2.81
CA SER B 130 10.47 -11.98 -1.54
C SER B 130 9.65 -11.37 -0.42
N SER B 131 8.94 -12.23 0.30
CA SER B 131 8.14 -11.80 1.42
C SER B 131 8.92 -12.11 2.73
N SER B 132 8.27 -12.02 3.92
CA SER B 132 8.98 -12.24 5.18
C SER B 132 8.09 -12.73 6.29
N ALA B 133 8.60 -13.51 7.22
CA ALA B 133 7.76 -13.98 8.33
C ALA B 133 7.27 -12.77 9.13
N THR B 134 7.83 -11.55 8.90
CA THR B 134 7.41 -10.35 9.61
C THR B 134 5.94 -10.01 9.39
N VAL B 135 5.40 -10.50 8.26
CA VAL B 135 4.00 -10.26 7.95
C VAL B 135 3.06 -10.89 8.97
N TYR B 136 3.54 -11.88 9.67
CA TYR B 136 2.68 -12.50 10.65
C TYR B 136 2.48 -11.66 11.87
N GLY B 137 3.35 -10.69 12.07
CA GLY B 137 3.30 -9.84 13.23
C GLY B 137 3.73 -10.63 14.47
N ASN B 138 3.31 -10.15 15.65
CA ASN B 138 3.65 -10.81 16.90
C ASN B 138 2.97 -12.18 16.92
N PRO B 139 3.73 -13.24 16.96
CA PRO B 139 3.13 -14.56 16.90
C PRO B 139 2.00 -14.85 17.89
N GLN B 140 0.91 -15.40 17.35
CA GLN B 140 -0.23 -15.75 18.19
C GLN B 140 -0.10 -17.17 18.68
N TYR B 141 0.63 -17.96 17.92
CA TYR B 141 0.96 -19.34 18.19
C TYR B 141 2.24 -19.69 17.44
N LEU B 142 2.91 -20.76 17.84
CA LEU B 142 4.14 -21.22 17.22
C LEU B 142 4.08 -22.73 17.09
N PRO B 143 4.59 -23.32 15.99
CA PRO B 143 5.24 -22.58 14.87
C PRO B 143 4.21 -21.84 14.00
N LEU B 144 4.71 -20.92 13.19
CA LEU B 144 3.88 -20.13 12.31
C LEU B 144 3.59 -20.85 11.04
N ASP B 145 2.30 -21.09 10.77
CA ASP B 145 1.89 -21.74 9.53
C ASP B 145 1.31 -20.60 8.63
N GLU B 146 1.10 -20.90 7.35
CA GLU B 146 0.66 -19.87 6.44
C GLU B 146 -0.70 -19.33 6.82
N ALA B 147 -1.46 -20.17 7.53
CA ALA B 147 -2.78 -19.80 8.01
C ALA B 147 -2.79 -18.81 9.18
N HIS B 148 -1.66 -18.53 9.81
CA HIS B 148 -1.65 -17.59 10.89
C HIS B 148 -2.06 -16.21 10.38
N PRO B 149 -2.67 -15.38 11.20
CA PRO B 149 -3.05 -14.08 10.72
C PRO B 149 -1.88 -13.24 10.24
N THR B 150 -2.17 -12.36 9.27
CA THR B 150 -1.11 -11.51 8.77
C THR B 150 -1.59 -10.09 8.74
N GLY B 151 -0.66 -9.16 8.68
CA GLY B 151 -1.03 -7.77 8.67
C GLY B 151 -0.88 -7.28 10.07
N GLY B 152 -1.24 -6.03 10.30
CA GLY B 152 -1.08 -5.52 11.65
C GLY B 152 0.41 -5.61 12.01
N CYS B 153 1.21 -5.25 11.00
CA CYS B 153 2.64 -5.29 11.17
C CYS B 153 3.13 -4.08 11.90
N THR B 154 4.11 -4.38 12.70
CA THR B 154 4.72 -3.38 13.54
C THR B 154 5.39 -2.25 12.74
N ASN B 155 6.06 -2.60 11.63
CA ASN B 155 6.78 -1.56 10.93
C ASN B 155 6.52 -1.36 9.44
N PRO B 156 6.88 -0.14 9.03
CA PRO B 156 6.78 0.29 7.65
C PRO B 156 7.39 -0.73 6.71
N TYR B 157 8.50 -1.34 7.09
CA TYR B 157 9.09 -2.35 6.26
C TYR B 157 8.14 -3.54 6.19
N GLY B 158 7.74 -4.06 7.36
CA GLY B 158 6.89 -5.22 7.37
C GLY B 158 5.53 -4.94 6.75
N LYS B 159 5.06 -3.73 6.97
CA LYS B 159 3.78 -3.32 6.42
C LYS B 159 3.87 -3.34 4.91
N SER B 160 4.98 -2.81 4.41
CA SER B 160 5.22 -2.79 2.99
C SER B 160 5.12 -4.20 2.43
N LYS B 161 5.74 -5.16 3.12
CA LYS B 161 5.68 -6.52 2.63
C LYS B 161 4.24 -7.10 2.57
N PHE B 162 3.48 -6.85 3.63
CA PHE B 162 2.11 -7.33 3.72
C PHE B 162 1.27 -6.67 2.66
N PHE B 163 1.43 -5.35 2.50
CA PHE B 163 0.67 -4.63 1.44
C PHE B 163 0.97 -5.22 0.08
N ILE B 164 2.24 -5.53 -0.18
CA ILE B 164 2.58 -6.12 -1.46
C ILE B 164 1.91 -7.47 -1.64
N GLU B 165 1.91 -8.33 -0.60
CA GLU B 165 1.25 -9.61 -0.76
C GLU B 165 -0.24 -9.41 -1.10
N GLU B 166 -0.85 -8.47 -0.42
CA GLU B 166 -2.26 -8.21 -0.62
C GLU B 166 -2.55 -7.74 -2.06
N MET B 167 -1.66 -6.86 -2.59
CA MET B 167 -1.82 -6.39 -3.96
C MET B 167 -1.70 -7.52 -4.92
N ILE B 168 -0.74 -8.42 -4.68
CA ILE B 168 -0.55 -9.54 -5.56
C ILE B 168 -1.74 -10.47 -5.50
N ARG B 169 -2.26 -10.66 -4.29
CA ARG B 169 -3.44 -11.52 -4.18
C ARG B 169 -4.58 -10.98 -5.06
N ASP B 170 -4.79 -9.65 -4.98
CA ASP B 170 -5.83 -8.96 -5.74
C ASP B 170 -5.61 -9.13 -7.23
N LEU B 171 -4.37 -9.00 -7.64
CA LEU B 171 -4.05 -9.13 -9.05
C LEU B 171 -4.41 -10.51 -9.56
N CYS B 172 -4.05 -11.53 -8.79
CA CYS B 172 -4.33 -12.89 -9.17
C CYS B 172 -5.83 -13.16 -9.19
N GLN B 173 -6.54 -12.52 -8.30
CA GLN B 173 -7.99 -12.70 -8.26
C GLN B 173 -8.59 -12.12 -9.54
N ALA B 174 -8.15 -10.93 -9.88
CA ALA B 174 -8.65 -10.22 -11.01
C ALA B 174 -8.32 -10.85 -12.32
N ASP B 175 -7.15 -11.46 -12.45
CA ASP B 175 -6.72 -12.08 -13.69
C ASP B 175 -6.16 -13.46 -13.40
N LYS B 176 -6.98 -14.44 -13.69
CA LYS B 176 -6.68 -15.82 -13.44
C LYS B 176 -5.49 -16.37 -14.20
N THR B 177 -4.96 -15.57 -15.12
CA THR B 177 -3.81 -16.04 -15.88
C THR B 177 -2.50 -15.82 -15.12
N TRP B 178 -2.54 -14.95 -14.14
CA TRP B 178 -1.34 -14.73 -13.35
C TRP B 178 -1.07 -15.91 -12.40
N ASN B 179 0.21 -16.14 -12.17
CA ASN B 179 0.74 -17.14 -11.27
C ASN B 179 1.73 -16.38 -10.40
N VAL B 180 1.61 -16.50 -9.08
CA VAL B 180 2.51 -15.82 -8.16
C VAL B 180 2.80 -16.69 -6.94
N VAL B 181 4.07 -16.77 -6.59
CA VAL B 181 4.48 -17.51 -5.41
C VAL B 181 5.08 -16.49 -4.48
N LEU B 182 4.46 -16.34 -3.31
CA LEU B 182 4.92 -15.44 -2.31
C LEU B 182 5.69 -16.27 -1.25
N LEU B 183 6.98 -15.98 -1.11
CA LEU B 183 7.85 -16.73 -0.20
C LEU B 183 8.15 -15.97 1.05
N ARG B 184 7.62 -16.43 2.20
CA ARG B 184 7.88 -15.69 3.43
C ARG B 184 9.16 -16.23 4.10
N TYR B 185 10.25 -15.52 3.88
CA TYR B 185 11.50 -16.00 4.45
C TYR B 185 11.51 -15.82 5.94
N PHE B 186 12.25 -16.71 6.59
CA PHE B 186 12.42 -16.57 8.02
C PHE B 186 13.72 -15.80 8.27
N ASN B 187 14.73 -16.32 8.98
CA ASN B 187 15.97 -15.53 9.19
C ASN B 187 17.14 -16.08 8.39
N PRO B 188 17.39 -15.50 7.21
CA PRO B 188 18.45 -15.96 6.34
C PRO B 188 19.86 -15.79 6.90
N THR B 189 20.64 -16.87 6.79
CA THR B 189 22.00 -16.80 7.26
C THR B 189 22.85 -17.77 6.50
N GLY B 190 24.13 -17.74 6.83
CA GLY B 190 25.00 -18.65 6.11
C GLY B 190 25.53 -17.97 4.84
N ALA B 191 26.16 -18.82 3.99
CA ALA B 191 26.78 -18.37 2.75
C ALA B 191 27.11 -19.57 1.88
N HIS B 192 27.35 -19.32 0.60
CA HIS B 192 27.71 -20.36 -0.33
C HIS B 192 28.95 -21.09 0.23
N ALA B 193 28.99 -22.42 0.05
CA ALA B 193 30.08 -23.24 0.56
C ALA B 193 31.47 -22.82 0.16
N SER B 194 31.56 -22.09 -0.93
CA SER B 194 32.84 -21.66 -1.43
C SER B 194 33.51 -20.64 -0.53
N GLY B 195 32.70 -19.89 0.19
CA GLY B 195 33.22 -18.84 1.04
C GLY B 195 33.49 -17.56 0.24
N CYS B 196 33.18 -17.60 -1.07
CA CYS B 196 33.43 -16.42 -1.94
C CYS B 196 32.40 -15.30 -1.94
N ILE B 197 31.16 -15.63 -1.56
CA ILE B 197 30.11 -14.63 -1.49
C ILE B 197 29.37 -14.82 -0.17
N GLY B 198 28.66 -13.82 0.28
CA GLY B 198 27.88 -13.89 1.52
C GLY B 198 27.32 -12.53 1.81
N GLU B 199 26.66 -12.35 2.94
CA GLU B 199 26.11 -11.08 3.32
C GLU B 199 27.22 -10.06 3.52
N ASP B 200 27.06 -8.88 2.91
CA ASP B 200 28.05 -7.79 2.96
C ASP B 200 27.51 -6.46 3.51
N PRO B 201 27.15 -6.45 4.78
CA PRO B 201 26.62 -5.28 5.42
C PRO B 201 27.62 -4.14 5.51
N GLN B 202 27.11 -2.93 5.43
CA GLN B 202 27.95 -1.75 5.54
C GLN B 202 27.66 -1.11 6.90
N GLY B 203 28.70 -0.80 7.64
CA GLY B 203 28.47 -0.19 8.95
C GLY B 203 28.20 -1.27 10.00
N ILE B 204 27.68 -0.85 11.11
CA ILE B 204 27.37 -1.76 12.17
C ILE B 204 26.17 -2.57 11.79
N PRO B 205 26.30 -3.90 11.74
CA PRO B 205 25.18 -4.73 11.34
C PRO B 205 24.05 -4.68 12.32
N ASN B 206 22.82 -4.73 11.76
CA ASN B 206 21.60 -4.72 12.55
C ASN B 206 21.08 -6.11 12.94
N ASN B 207 21.43 -7.07 12.10
CA ASN B 207 21.04 -8.47 12.24
C ASN B 207 22.06 -9.17 13.15
N LEU B 208 21.59 -10.23 13.78
CA LEU B 208 22.46 -10.93 14.70
C LEU B 208 23.70 -11.54 14.15
N MET B 209 23.52 -12.43 13.19
CA MET B 209 24.61 -13.19 12.64
C MET B 209 25.84 -12.44 12.16
N PRO B 210 25.69 -11.43 11.35
CA PRO B 210 26.83 -10.69 10.88
C PRO B 210 27.49 -9.98 12.05
N TYR B 211 26.69 -9.60 13.04
CA TYR B 211 27.29 -8.94 14.17
C TYR B 211 28.15 -9.95 14.91
N VAL B 212 27.59 -11.13 15.10
CA VAL B 212 28.28 -12.22 15.78
C VAL B 212 29.58 -12.51 15.04
N SER B 213 29.49 -12.74 13.71
CA SER B 213 30.70 -13.04 12.93
C SER B 213 31.74 -11.90 13.01
N GLN B 214 31.28 -10.65 13.11
CA GLN B 214 32.21 -9.56 13.22
C GLN B 214 32.91 -9.52 14.57
N VAL B 215 32.27 -10.06 15.60
CA VAL B 215 32.90 -10.08 16.92
C VAL B 215 33.96 -11.16 16.85
N ALA B 216 33.62 -12.32 16.27
CA ALA B 216 34.55 -13.40 16.18
C ALA B 216 35.79 -13.08 15.40
N ILE B 217 35.66 -12.34 14.29
CA ILE B 217 36.79 -11.95 13.44
C ILE B 217 37.60 -10.82 14.08
N GLY B 218 37.00 -10.17 15.08
CA GLY B 218 37.63 -9.11 15.84
C GLY B 218 37.28 -7.72 15.42
N ARG B 219 36.31 -7.60 14.57
CA ARG B 219 35.92 -6.28 14.14
C ARG B 219 35.09 -5.56 15.20
N ARG B 220 34.38 -6.33 16.02
CA ARG B 220 33.58 -5.79 17.10
C ARG B 220 34.07 -6.37 18.43
N GLU B 221 34.05 -5.52 19.46
CA GLU B 221 34.47 -5.94 20.79
C GLU B 221 33.59 -7.05 21.38
N ALA B 222 32.28 -6.80 21.42
CA ALA B 222 31.37 -7.76 21.96
C ALA B 222 29.95 -7.62 21.43
N LEU B 223 29.26 -8.73 21.50
CA LEU B 223 27.89 -8.77 21.09
C LEU B 223 26.97 -8.20 22.16
N ASN B 224 26.06 -7.32 21.76
CA ASN B 224 25.08 -6.78 22.67
C ASN B 224 23.85 -7.65 22.48
N VAL B 225 23.41 -8.32 23.56
CA VAL B 225 22.26 -9.23 23.55
C VAL B 225 21.05 -8.42 23.99
N PHE B 226 20.07 -8.32 23.08
CA PHE B 226 18.86 -7.52 23.34
C PHE B 226 17.85 -8.22 24.20
N GLY B 227 18.12 -8.21 25.50
CA GLY B 227 17.27 -8.80 26.54
C GLY B 227 17.48 -10.28 26.80
N ASN B 228 17.35 -10.67 28.06
CA ASN B 228 17.49 -12.07 28.40
C ASN B 228 16.34 -12.49 29.28
N ASP B 229 15.27 -11.72 29.16
CA ASP B 229 14.11 -12.00 29.97
C ASP B 229 12.86 -12.35 29.23
N TYR B 230 13.00 -12.97 28.07
CA TYR B 230 11.80 -13.35 27.33
C TYR B 230 11.40 -14.71 27.83
N ASP B 231 10.17 -15.10 27.48
CA ASP B 231 9.62 -16.39 27.83
C ASP B 231 10.10 -17.44 26.79
N THR B 232 11.42 -17.65 26.78
CA THR B 232 12.09 -18.61 25.92
C THR B 232 12.92 -19.49 26.84
N GLU B 233 13.27 -20.68 26.39
CA GLU B 233 14.04 -21.58 27.23
C GLU B 233 15.23 -20.95 27.96
N ASP B 234 15.92 -19.99 27.32
CA ASP B 234 17.07 -19.34 27.94
C ASP B 234 16.89 -17.85 28.16
N GLY B 235 15.72 -17.34 27.86
CA GLY B 235 15.50 -15.93 28.08
C GLY B 235 15.84 -15.03 26.90
N THR B 236 16.64 -15.54 25.95
CA THR B 236 16.99 -14.72 24.79
C THR B 236 16.05 -15.06 23.62
N GLY B 237 15.95 -14.13 22.65
CA GLY B 237 15.09 -14.32 21.46
C GLY B 237 15.46 -15.54 20.67
N VAL B 238 14.42 -16.19 20.15
CA VAL B 238 14.57 -17.41 19.40
C VAL B 238 14.09 -17.16 17.98
N ARG B 239 14.86 -17.64 17.00
CA ARG B 239 14.50 -17.44 15.57
C ARG B 239 14.80 -18.67 14.77
N ASP B 240 14.14 -18.78 13.60
CA ASP B 240 14.32 -19.87 12.68
C ASP B 240 15.36 -19.40 11.68
N TYR B 241 16.61 -19.76 11.91
CA TYR B 241 17.71 -19.38 11.04
C TYR B 241 17.70 -20.35 9.89
N ILE B 242 17.71 -19.83 8.66
CA ILE B 242 17.66 -20.69 7.49
C ILE B 242 18.87 -20.38 6.58
N HIS B 243 19.53 -21.42 6.08
CA HIS B 243 20.70 -21.25 5.24
C HIS B 243 20.32 -20.62 3.92
N VAL B 244 21.01 -19.55 3.56
CA VAL B 244 20.73 -18.85 2.31
C VAL B 244 20.77 -19.75 1.08
N VAL B 245 21.51 -20.85 1.13
CA VAL B 245 21.57 -21.75 -0.01
C VAL B 245 20.26 -22.50 -0.18
N ASP B 246 19.69 -22.92 0.94
CA ASP B 246 18.42 -23.62 0.87
C ASP B 246 17.33 -22.65 0.39
N LEU B 247 17.37 -21.44 0.94
CA LEU B 247 16.42 -20.41 0.55
C LEU B 247 16.50 -20.20 -0.98
N ALA B 248 17.70 -20.07 -1.51
CA ALA B 248 17.89 -19.88 -2.94
C ALA B 248 17.29 -21.03 -3.69
N LYS B 249 17.54 -22.25 -3.22
CA LYS B 249 16.96 -23.41 -3.86
C LYS B 249 15.43 -23.41 -3.80
N GLY B 250 14.88 -22.79 -2.75
CA GLY B 250 13.43 -22.72 -2.63
C GLY B 250 12.81 -21.92 -3.79
N HIS B 251 13.59 -20.99 -4.34
CA HIS B 251 13.15 -20.13 -5.43
C HIS B 251 13.07 -20.93 -6.71
N ILE B 252 13.91 -21.94 -6.84
CA ILE B 252 13.85 -22.74 -8.02
C ILE B 252 12.61 -23.59 -7.90
N ALA B 253 12.33 -24.10 -6.69
CA ALA B 253 11.12 -24.88 -6.49
C ALA B 253 9.90 -23.97 -6.78
N ALA B 254 9.99 -22.68 -6.43
CA ALA B 254 8.90 -21.75 -6.75
C ALA B 254 8.70 -21.63 -8.26
N LEU B 255 9.80 -21.61 -9.02
CA LEU B 255 9.69 -21.50 -10.49
C LEU B 255 8.92 -22.67 -11.06
N ARG B 256 9.30 -23.85 -10.62
CA ARG B 256 8.62 -25.01 -11.09
C ARG B 256 7.16 -24.93 -10.68
N LYS B 257 6.85 -24.39 -9.51
CA LYS B 257 5.44 -24.27 -9.09
C LYS B 257 4.64 -23.40 -10.07
N LEU B 258 5.23 -22.28 -10.52
CA LEU B 258 4.57 -21.37 -11.46
C LEU B 258 4.15 -22.13 -12.71
N LYS B 259 5.00 -23.06 -13.16
CA LYS B 259 4.67 -23.85 -14.34
C LYS B 259 3.39 -24.65 -14.22
N GLU B 260 2.94 -24.92 -13.01
CA GLU B 260 1.71 -25.69 -12.81
C GLU B 260 0.46 -24.82 -13.01
N GLN B 261 0.68 -23.53 -13.25
CA GLN B 261 -0.41 -22.58 -13.41
C GLN B 261 -1.19 -22.55 -12.11
N CYS B 262 -0.46 -22.42 -11.02
CA CYS B 262 -0.94 -22.43 -9.64
C CYS B 262 -1.70 -21.23 -9.16
N GLY B 263 -1.72 -20.11 -9.90
CA GLY B 263 -2.39 -18.93 -9.40
C GLY B 263 -1.52 -18.35 -8.27
N CYS B 264 -2.13 -17.75 -7.28
CA CYS B 264 -1.40 -17.18 -6.16
C CYS B 264 -1.23 -18.21 -5.02
N ARG B 265 0.02 -18.55 -4.67
CA ARG B 265 0.39 -19.49 -3.58
C ARG B 265 1.38 -18.81 -2.64
N ILE B 266 1.27 -19.14 -1.33
CA ILE B 266 2.09 -18.54 -0.31
C ILE B 266 2.76 -19.62 0.52
N TYR B 267 4.07 -19.51 0.68
CA TYR B 267 4.80 -20.49 1.45
C TYR B 267 5.84 -19.91 2.34
N ASN B 268 5.95 -20.54 3.52
CA ASN B 268 7.02 -20.16 4.42
C ASN B 268 8.29 -20.83 3.91
N LEU B 269 9.43 -20.13 4.05
CA LEU B 269 10.73 -20.71 3.72
C LEU B 269 11.51 -20.63 5.05
N GLY B 270 11.44 -21.71 5.85
CA GLY B 270 12.12 -21.83 7.14
C GLY B 270 12.52 -23.30 7.39
N THR B 271 13.27 -23.54 8.47
CA THR B 271 13.69 -24.91 8.79
C THR B 271 12.72 -25.57 9.75
N GLY B 272 12.03 -24.75 10.51
CA GLY B 272 11.10 -25.28 11.48
C GLY B 272 11.80 -25.43 12.84
N THR B 273 13.09 -25.12 12.91
CA THR B 273 13.86 -25.22 14.15
C THR B 273 14.30 -23.84 14.60
N GLY B 274 13.94 -23.45 15.83
CA GLY B 274 14.32 -22.16 16.33
C GLY B 274 15.54 -22.28 17.24
N TYR B 275 16.40 -21.27 17.24
CA TYR B 275 17.59 -21.23 18.06
C TYR B 275 17.67 -19.90 18.75
N SER B 276 18.18 -19.87 19.97
CA SER B 276 18.28 -18.63 20.70
C SER B 276 19.57 -17.86 20.38
N VAL B 277 19.63 -16.60 20.80
CA VAL B 277 20.82 -15.77 20.56
C VAL B 277 22.06 -16.49 21.10
N LEU B 278 22.00 -16.95 22.37
CA LEU B 278 23.11 -17.66 23.00
C LEU B 278 23.48 -18.94 22.27
N GLN B 279 22.50 -19.67 21.77
CA GLN B 279 22.81 -20.88 21.03
C GLN B 279 23.58 -20.55 19.75
N MET B 280 23.19 -19.43 19.11
CA MET B 280 23.89 -19.03 17.90
C MET B 280 25.33 -18.61 18.25
N VAL B 281 25.47 -17.92 19.38
CA VAL B 281 26.78 -17.47 19.80
C VAL B 281 27.66 -18.69 20.01
N GLN B 282 27.10 -19.64 20.71
CA GLN B 282 27.89 -20.83 20.97
C GLN B 282 28.28 -21.57 19.72
N ALA B 283 27.29 -21.77 18.86
CA ALA B 283 27.59 -22.48 17.63
C ALA B 283 28.65 -21.74 16.78
N MET B 284 28.67 -20.41 16.86
CA MET B 284 29.65 -19.66 16.11
C MET B 284 31.02 -19.77 16.76
N GLU B 285 31.06 -19.94 18.06
CA GLU B 285 32.36 -20.11 18.69
C GLU B 285 32.93 -21.45 18.24
N LYS B 286 32.07 -22.46 18.16
CA LYS B 286 32.51 -23.74 17.73
C LYS B 286 32.99 -23.66 16.29
N ALA B 287 32.21 -23.00 15.44
CA ALA B 287 32.61 -22.90 14.02
C ALA B 287 33.88 -22.10 13.79
N SER B 288 34.04 -20.98 14.46
CA SER B 288 35.18 -20.13 14.23
C SER B 288 36.41 -20.43 15.05
N GLY B 289 36.25 -21.13 16.16
CA GLY B 289 37.40 -21.37 17.01
C GLY B 289 37.80 -20.08 17.75
N LYS B 290 36.93 -19.09 17.75
CA LYS B 290 37.18 -17.84 18.42
C LYS B 290 36.22 -17.62 19.56
N LYS B 291 36.59 -16.73 20.47
CA LYS B 291 35.68 -16.44 21.55
C LYS B 291 34.86 -15.25 21.16
N ILE B 292 33.58 -15.30 21.54
CA ILE B 292 32.63 -14.26 21.18
C ILE B 292 31.99 -13.71 22.43
N PRO B 293 32.65 -12.73 23.03
CA PRO B 293 32.17 -12.09 24.23
C PRO B 293 30.84 -11.42 23.97
N TYR B 294 29.99 -11.32 25.00
CA TYR B 294 28.66 -10.72 24.89
C TYR B 294 28.25 -10.02 26.18
N LYS B 295 27.35 -9.06 26.03
CA LYS B 295 26.81 -8.31 27.15
C LYS B 295 25.32 -8.23 26.97
N VAL B 296 24.59 -8.45 28.06
CA VAL B 296 23.15 -8.42 28.02
C VAL B 296 22.67 -7.02 28.25
N VAL B 297 21.91 -6.51 27.27
CA VAL B 297 21.36 -5.19 27.34
C VAL B 297 19.84 -5.23 27.32
N ALA B 298 19.24 -4.05 27.17
CA ALA B 298 17.79 -3.94 27.13
C ALA B 298 17.22 -4.58 25.91
N ARG B 299 15.95 -4.91 26.00
CA ARG B 299 15.24 -5.47 24.89
C ARG B 299 15.20 -4.42 23.79
N ARG B 300 15.17 -4.85 22.54
CA ARG B 300 15.11 -3.96 21.38
C ARG B 300 13.63 -3.72 21.10
N GLU B 301 13.24 -2.44 20.98
CA GLU B 301 11.86 -2.07 20.78
C GLU B 301 11.29 -2.87 19.63
N GLY B 302 10.08 -3.34 19.85
CA GLY B 302 9.43 -4.10 18.82
C GLY B 302 9.88 -5.52 18.62
N ASP B 303 10.83 -6.02 19.43
CA ASP B 303 11.27 -7.41 19.27
C ASP B 303 10.27 -8.43 19.82
N VAL B 304 10.17 -9.54 19.13
CA VAL B 304 9.30 -10.65 19.49
C VAL B 304 10.17 -11.68 20.22
N ALA B 305 9.57 -12.38 21.17
CA ALA B 305 10.32 -13.36 21.92
C ALA B 305 10.82 -14.53 21.07
N ALA B 306 9.91 -15.12 20.29
CA ALA B 306 10.23 -16.26 19.48
C ALA B 306 9.43 -16.26 18.17
N CYS B 307 10.12 -16.70 17.12
CA CYS B 307 9.53 -16.78 15.81
C CYS B 307 10.15 -17.93 15.04
N TYR B 308 9.34 -18.88 14.57
CA TYR B 308 9.85 -19.99 13.79
C TYR B 308 8.78 -20.54 12.91
N ALA B 309 9.16 -21.24 11.85
CA ALA B 309 8.20 -21.71 10.88
C ALA B 309 7.64 -23.08 11.00
N ASN B 310 6.46 -23.25 10.43
CA ASN B 310 5.86 -24.54 10.27
C ASN B 310 6.19 -24.76 8.81
N PRO B 311 7.12 -25.63 8.52
CA PRO B 311 7.55 -25.86 7.14
C PRO B 311 6.75 -26.94 6.38
N SER B 312 5.63 -27.37 6.95
CA SER B 312 4.91 -28.43 6.29
C SER B 312 4.38 -28.13 4.90
N LEU B 313 3.71 -27.00 4.77
CA LEU B 313 3.10 -26.68 3.47
C LEU B 313 4.11 -26.64 2.34
N ALA B 314 5.24 -25.96 2.59
CA ALA B 314 6.31 -25.90 1.57
C ALA B 314 6.78 -27.29 1.19
N GLN B 315 6.97 -28.15 2.17
CA GLN B 315 7.41 -29.49 1.84
C GLN B 315 6.39 -30.23 0.96
N GLU B 316 5.13 -30.19 1.38
CA GLU B 316 4.05 -30.85 0.68
C GLU B 316 3.76 -30.32 -0.73
N GLU B 317 3.58 -29.00 -0.84
CA GLU B 317 3.25 -28.32 -2.07
C GLU B 317 4.37 -27.93 -2.99
N LEU B 318 5.40 -27.27 -2.44
CA LEU B 318 6.55 -26.88 -3.24
C LEU B 318 7.47 -28.03 -3.37
N GLY B 319 7.32 -29.05 -2.52
CA GLY B 319 8.24 -30.14 -2.63
C GLY B 319 9.63 -29.72 -2.15
N TRP B 320 9.73 -28.75 -1.24
CA TRP B 320 11.02 -28.29 -0.77
C TRP B 320 11.18 -28.29 0.74
N THR B 321 12.39 -28.58 1.18
CA THR B 321 12.72 -28.55 2.60
C THR B 321 14.16 -28.03 2.71
N ALA B 322 14.46 -27.36 3.80
CA ALA B 322 15.81 -26.87 4.01
C ALA B 322 16.70 -28.04 4.44
N ALA B 323 17.83 -28.23 3.80
CA ALA B 323 18.71 -29.36 4.18
C ALA B 323 19.87 -29.05 5.11
N LEU B 324 20.26 -27.82 5.21
CA LEU B 324 21.42 -27.51 5.99
C LEU B 324 21.12 -27.04 7.39
N GLY B 325 21.76 -27.66 8.35
CA GLY B 325 21.52 -27.30 9.75
C GLY B 325 22.47 -26.27 10.32
N LEU B 326 22.31 -26.06 11.64
CA LEU B 326 23.05 -25.09 12.39
C LEU B 326 24.57 -25.07 12.20
N ASP B 327 25.20 -26.23 12.39
CA ASP B 327 26.64 -26.32 12.24
C ASP B 327 27.09 -25.85 10.84
N ARG B 328 26.34 -26.33 9.83
CA ARG B 328 26.63 -25.99 8.45
C ARG B 328 26.50 -24.48 8.18
N MET B 329 25.41 -23.86 8.69
CA MET B 329 25.21 -22.45 8.57
C MET B 329 26.35 -21.71 9.19
N CYS B 330 26.77 -22.14 10.39
CA CYS B 330 27.83 -21.47 11.11
C CYS B 330 29.16 -21.66 10.43
N GLU B 331 29.38 -22.86 9.96
CA GLU B 331 30.63 -23.16 9.26
C GLU B 331 30.73 -22.27 8.02
N ASP B 332 29.64 -22.23 7.25
CA ASP B 332 29.63 -21.41 6.04
C ASP B 332 29.71 -19.93 6.27
N LEU B 333 29.07 -19.48 7.33
CA LEU B 333 29.11 -18.07 7.64
C LEU B 333 30.52 -17.70 8.06
N TRP B 334 31.10 -18.53 8.92
CA TRP B 334 32.49 -18.24 9.36
C TRP B 334 33.49 -18.16 8.19
N ARG B 335 33.40 -19.12 7.29
CA ARG B 335 34.29 -19.21 6.14
C ARG B 335 34.25 -17.90 5.35
N TRP B 336 33.02 -17.47 5.05
CA TRP B 336 32.83 -16.22 4.34
C TRP B 336 33.50 -15.05 5.08
N GLN B 337 33.21 -14.91 6.38
CA GLN B 337 33.77 -13.82 7.16
C GLN B 337 35.31 -13.85 7.27
N LYS B 338 35.82 -15.05 7.51
CA LYS B 338 37.28 -15.23 7.70
C LYS B 338 38.05 -14.98 6.46
N GLN B 339 37.51 -15.51 5.36
CA GLN B 339 38.13 -15.40 4.07
C GLN B 339 37.95 -14.03 3.46
N ASN B 340 36.97 -13.26 3.93
CA ASN B 340 36.69 -11.92 3.43
C ASN B 340 36.44 -11.02 4.57
N PRO B 341 37.50 -10.64 5.27
CA PRO B 341 37.37 -9.80 6.44
C PRO B 341 36.72 -8.47 6.23
N SER B 342 36.75 -7.98 5.00
CA SER B 342 36.12 -6.70 4.71
C SER B 342 34.97 -6.86 3.73
N GLY B 343 34.37 -8.03 3.72
CA GLY B 343 33.25 -8.24 2.80
C GLY B 343 33.79 -8.23 1.37
N PHE B 344 33.02 -7.72 0.44
CA PHE B 344 33.44 -7.70 -0.96
C PHE B 344 34.54 -6.72 -1.31
N GLY B 345 34.62 -5.63 -0.57
CA GLY B 345 35.68 -4.72 -0.90
C GLY B 345 35.75 -3.53 0.03
N THR B 346 36.73 -2.67 -0.28
CA THR B 346 37.01 -1.42 0.41
C THR B 346 37.03 -0.26 -0.60
CL CL C . 2.03 31.22 -3.36
MG MG D . -18.07 9.70 20.98
PA NAD E . -14.85 12.38 -8.10
O1A NAD E . -15.98 13.29 -8.51
O2A NAD E . -14.53 11.34 -9.05
O5B NAD E . -13.61 13.29 -7.67
C5B NAD E . -12.25 12.87 -7.86
C4B NAD E . -11.59 13.83 -8.84
O4B NAD E . -10.23 13.37 -9.02
C3B NAD E . -12.20 13.86 -10.25
O3B NAD E . -12.57 15.18 -10.62
C2B NAD E . -11.12 13.19 -11.11
O2B NAD E . -11.09 13.78 -12.44
C1B NAD E . -9.87 13.55 -10.35
N9A NAD E . -8.75 12.65 -10.62
C8A NAD E . -8.78 11.30 -10.76
N7A NAD E . -7.57 10.76 -11.00
C5A NAD E . -6.73 11.86 -11.00
C6A NAD E . -5.32 11.96 -11.21
N6A NAD E . -4.55 10.92 -11.46
N1A NAD E . -4.81 13.21 -11.16
C2A NAD E . -5.64 14.27 -10.93
N3A NAD E . -6.94 14.28 -10.73
C4A NAD E . -7.43 13.03 -10.79
O3 NAD E . -15.15 11.66 -6.73
PN NAD E . -15.74 12.25 -5.33
O1N NAD E . -17.07 11.67 -5.11
O2N NAD E . -15.73 13.70 -5.34
O5D NAD E . -14.66 11.62 -4.32
C5D NAD E . -13.59 12.47 -3.88
C4D NAD E . -12.59 11.63 -3.11
O4D NAD E . -13.24 11.13 -1.92
C3D NAD E . -12.01 10.43 -3.82
O3D NAD E . -10.64 10.17 -3.45
C2D NAD E . -12.93 9.32 -3.34
O2D NAD E . -12.27 8.05 -3.46
C1D NAD E . -13.18 9.73 -1.89
N1N NAD E . -14.47 9.22 -1.33
C2N NAD E . -15.64 9.51 -2.02
C3N NAD E . -16.82 8.85 -1.65
C7N NAD E . -18.15 9.05 -2.39
O7N NAD E . -19.13 8.40 -2.04
N7N NAD E . -18.25 9.97 -3.39
C4N NAD E . -16.85 8.01 -0.49
C5N NAD E . -15.58 7.78 0.07
C6N NAD E . -14.43 8.52 -0.13
C1' UD1 F . -19.77 1.63 -1.37
C2' UD1 F . -18.79 1.53 -2.54
C3' UD1 F . -19.00 0.22 -3.29
C4' UD1 F . -19.04 -1.00 -2.36
C5' UD1 F . -19.98 -0.75 -1.19
C6' UD1 F . -19.97 -1.88 -0.15
C7' UD1 F . -18.03 3.63 -3.38
C8' UD1 F . -17.98 4.77 -4.34
N2' UD1 F . -18.93 2.65 -3.50
O1' UD1 F . -21.07 1.64 -1.90
O3' UD1 F . -17.93 0.01 -4.22
O4' UD1 F . -19.47 -2.21 -2.99
O5' UD1 F . -19.61 0.47 -0.52
O6' UD1 F . -18.75 -1.88 0.59
O6' UD1 F . -20.92 -1.63 0.89
O7' UD1 F . -17.22 3.59 -2.46
N1 UD1 F . -28.31 0.54 -4.40
C2 UD1 F . -29.36 -0.04 -5.08
N3 UD1 F . -29.41 0.27 -6.41
C4 UD1 F . -28.52 1.08 -7.13
C5 UD1 F . -27.48 1.62 -6.35
C6 UD1 F . -27.39 1.36 -5.06
O2 UD1 F . -30.21 -0.76 -4.58
O4 UD1 F . -28.71 1.26 -8.31
C1B UD1 F . -28.14 0.34 -2.95
C2B UD1 F . -26.88 -0.40 -2.53
O2' UD1 F . -27.05 -1.83 -2.57
C3B UD1 F . -26.70 0.10 -1.09
C4B UD1 F . -27.19 1.53 -1.19
O4B UD1 F . -28.12 1.57 -2.32
O3B UD1 F . -27.47 -0.64 -0.14
C5B UD1 F . -26.08 2.56 -1.40
O5B UD1 F . -25.30 2.05 -2.51
PA UD1 F . -24.18 2.99 -3.15
O1A UD1 F . -23.55 2.28 -4.27
O2A UD1 F . -24.73 4.32 -3.42
O3A UD1 F . -23.17 3.13 -1.83
PB UD1 F . -22.39 2.05 -1.04
O1B UD1 F . -22.11 2.71 0.25
O2B UD1 F . -23.16 0.79 -0.88
CL CL G . 18.86 -24.22 6.26
CL CL H . 15.81 -12.84 -24.61
CL CL I . 32.89 -7.71 -14.47
PA NAD J . 19.85 -6.94 -0.15
O1A NAD J . 21.21 -7.60 -0.10
O2A NAD J . 19.79 -5.56 0.22
O5B NAD J . 19.28 -7.20 -1.64
C5B NAD J . 18.39 -6.24 -2.27
C4B NAD J . 19.06 -5.81 -3.57
O4B NAD J . 18.13 -4.93 -4.26
C3B NAD J . 20.33 -4.97 -3.34
O3B NAD J . 21.43 -5.51 -4.08
C2B NAD J . 19.92 -3.57 -3.74
O2B NAD J . 21.01 -2.85 -4.37
C1B NAD J . 18.82 -3.85 -4.78
N9A NAD J . 17.89 -2.73 -4.85
C8A NAD J . 17.38 -1.99 -3.87
N7A NAD J . 16.54 -1.02 -4.30
C5A NAD J . 16.54 -1.19 -5.66
C6A NAD J . 15.85 -0.47 -6.69
N6A NAD J . 15.06 0.59 -6.47
N1A NAD J . 16.09 -0.94 -7.92
C2A NAD J . 16.93 -1.99 -8.13
N3A NAD J . 17.60 -2.69 -7.24
C4A NAD J . 17.36 -2.22 -6.02
O3 NAD J . 18.83 -7.76 0.75
PN NAD J . 18.54 -9.33 0.85
O1N NAD J . 18.96 -9.74 2.21
O2N NAD J . 19.17 -10.09 -0.23
O5D NAD J . 16.95 -9.38 0.79
C5D NAD J . 16.39 -9.58 -0.52
C4D NAD J . 14.88 -9.41 -0.45
O4D NAD J . 14.34 -10.33 0.58
C3D NAD J . 14.38 -8.03 -0.07
O3D NAD J . 13.12 -7.78 -0.68
C2D NAD J . 14.19 -8.22 1.43
O2D NAD J . 13.27 -7.22 1.90
C1D NAD J . 13.58 -9.61 1.50
N1N NAD J . 13.75 -10.31 2.80
C2N NAD J . 15.04 -10.31 3.28
C3N NAD J . 15.24 -10.70 4.60
C7N NAD J . 16.66 -10.85 5.15
O7N NAD J . 16.81 -11.12 6.33
N7N NAD J . 17.79 -10.67 4.41
C4N NAD J . 14.09 -11.09 5.38
C5N NAD J . 12.93 -11.39 4.63
C6N NAD J . 12.65 -10.98 3.36
C1' UD1 K . 14.81 -8.49 11.62
C2' UD1 K . 13.73 -7.50 11.25
C3' UD1 K . 12.96 -7.88 9.99
C4' UD1 K . 13.79 -8.45 8.88
C5' UD1 K . 14.73 -9.46 9.49
C6' UD1 K . 15.65 -9.93 8.39
C7' UD1 K . 11.52 -7.33 12.52
C8' UD1 K . 10.91 -7.14 13.87
N2' UD1 K . 12.87 -7.13 12.41
O1' UD1 K . 14.20 -9.59 12.24
O3' UD1 K . 12.29 -6.73 9.49
O4' UD1 K . 12.97 -9.13 7.91
O5' UD1 K . 15.57 -8.82 10.46
O6' UD1 K . 16.75 -10.58 8.94
O7' UD1 K . 10.76 -7.59 11.62
N1 UD1 K . 19.90 -9.71 18.35
C2 UD1 K . 20.69 -9.37 19.42
N3 UD1 K . 21.72 -8.52 19.15
C4 UD1 K . 22.04 -7.99 17.89
C5 UD1 K . 21.16 -8.39 16.83
C6 UD1 K . 20.16 -9.22 17.08
O2 UD1 K . 20.52 -9.77 20.56
O4 UD1 K . 23.00 -7.25 17.83
C1B UD1 K . 18.79 -10.66 18.57
C2B UD1 K . 17.39 -10.09 18.38
O2' UD1 K . 16.83 -9.54 19.61
C3B UD1 K . 16.61 -11.34 17.97
C4B UD1 K . 17.64 -12.16 17.19
O4B UD1 K . 18.92 -11.70 17.64
O3B UD1 K . 16.02 -12.05 19.08
C5B UD1 K . 17.60 -12.02 15.67
O5B UD1 K . 17.68 -10.60 15.43
PA UD1 K . 17.74 -10.04 13.93
O1A UD1 K . 17.75 -8.57 14.02
O2A UD1 K . 18.82 -10.65 13.14
O3A UD1 K . 16.35 -10.60 13.30
PB UD1 K . 14.83 -10.28 13.59
O1B UD1 K . 14.26 -11.63 13.75
O2B UD1 K . 14.62 -9.42 14.81
#